data_9DIA
#
_entry.id   9DIA
#
_cell.length_a   1.00
_cell.length_b   1.00
_cell.length_c   1.00
_cell.angle_alpha   90.00
_cell.angle_beta   90.00
_cell.angle_gamma   90.00
#
_symmetry.space_group_name_H-M   'P 1'
#
loop_
_entity.id
_entity.type
_entity.pdbx_description
1 polymer 'Integrin alpha-5'
2 polymer 'Integrin beta-1'
3 polymer 'NeoNectin candidate 2'
4 branched 2-acetamido-2-deoxy-beta-D-glucopyranose-(1-4)-2-acetamido-2-deoxy-beta-D-glucopyranose
5 branched alpha-D-mannopyranose-(1-3)-[2-acetamido-2-deoxy-beta-D-glucopyranose-(1-4)]beta-D-mannopyranose-(1-4)-2-acetamido-2-deoxy-beta-D-glucopyranose-(1-4)-2-acetamido-2-deoxy-beta-D-glucopyranose
6 branched alpha-L-fucopyranose-(1-6)-2-acetamido-2-deoxy-beta-D-glucopyranose
7 non-polymer 'CALCIUM ION'
8 non-polymer 2-acetamido-2-deoxy-beta-D-glucopyranose
9 non-polymer 'MANGANESE (II) ION'
#
loop_
_entity_poly.entity_id
_entity_poly.type
_entity_poly.pdbx_seq_one_letter_code
_entity_poly.pdbx_strand_id
1 'polypeptide(L)'
;MGSRTPESPLHAVQLRWGPRRRPPLLPLLLLLLPPPPRVGGFNLDAEAPAVLSGPPGSFFGFSVEFYRPGTDGVSVLVGA
PKANTSQPGVLQGGAVYLCPWGASPTQCTPIEFDSKGSRLLESSLSSSEGEEPVEYKSLQWFGATVRAHGSSILACAPLY
SWRTEKEPLSDPVGTCYLSTDNFTRILEYAPCRSDFSWAAGQGYCQGGFSAEFTKTGRVVLGGPGSYFWQGQILSATQEQ
IAESYYPEYLINLVQGQLQTRQASSIYDDSYLGYSVAVGEFSGDDTEDFVAGVPKGNLTYGYVTILNGSDIRSLYNFSGE
QMASYFGYAVAATDVNGDGLDDLLVGAPLLMDRTPDGRPQEVGRVYVYLQHPAGIEPTPTLTLTGHDEFGRFGSSLTPLG
DLDQDGYNDVAIGAPFGGETQQGVVFVFPGGPGGLGSKPSQVLQPLWAASHTPDFFGSALRGGRDLDGNGYPDLIVGSFG
VDKAVVYRGRPIVSASASLTIFPAMFNPEERSCSLEGNPVACINLSFCLNASGKHVADSIGFTVELQLDWQKQKGGVRRA
LFLASRQATLTQTLLIQNGAREDCREMKIYLRNESEFRDKLSPIHIALNFSLDPQAPVDSHGLRPALHYQSKSRIEDKAQ
ILLDCGEDNICVPDLQLEVFGEQNHVYLGDKNALNLTFHAQNVGEGGAYEAELRVTAPPEAEYSGLVRHPGNFSSLSCDY
FAVNQSRLLVCDLGNPMKAGASLWGGLRFTVPHLRDTKKTIQFDFQILSKNLNNSQSDVVSFRLSVEAQAQVTLNGVSKP
EAVLFPVSDWHPRDQPQKEEDLGPAVHHVYELINQGPSSISQGVLELSCPQALEGQQLLYVTRVTGLNCTTNHPINPKGL
ELDPEGSLHHQQKREAPSRSSASSGPQILKCPEAECFRLRCELGPLHQQESQSLQLHFRVWAKTFLQREHQPFSLQCEAV
YKALKMPYRILPRQLPQKERQVATAVQWTKAEGSYGTGGLEVLFQ
;
A
2 'polypeptide(L)'
;MNLQPIFWIGLISSVCCVFAQTDENRCLKANAKSCGECIQAGPNCGWCTNSTFLQEGMPTSARCDDLEALKKKGCPPDDI
ENPRGSKDIKKNKNVTNRSKGTAEKLKPEDITQIQPQQLVLRLRSGEPQTFTLKFKRAEDYPIDLYYLMDLSYSMKDDLE
NVKSLGTDLMNEMRRITSDFRIGFGSFVEKTVMPYISTTPAKLRNPCTSEQNCTSPFSYKNVLSLTNKGEVFNELVGKQR
ISGNLDSPEGGFDAIMQVAVCGSLIGWRNVTRLLVFSTDAGFHFAGDGKLGGIVLPNDGQCHLENNMYTMSHYYDYPSIA
HLVQKLSENNIQTIFAVTEEFQPVYKELKNLIPKSAVGTLSANSSNVIQLIIDAYNSLSSEVILENGKLSEGVTISYKSY
CKNGVNGTGENGRKCSNISIGDEVQFEISITSNKCPKKDSDSFKIRPLGFTEEVEVILQYICECECQSEGIPESPKCHEG
NGTFECGACRCNEGRVGRHCECSTDEVNSEDMDAYCRKENSSEICSNNGECVCGQCVCRKRDNTNEIYSGKFCECDNFNC
DRSNGLICGGNGVCKCRVCECNPNYTGSACDCSLDTSTCEASNGQICNGRGICECGVCKCTDPKFQGQTCEMCQTCLGVC
AEHKECVQCRAFNKGEKKDTCTQECSYFNITKVESRDKLPQPVQPDPVSHCKEKDVDDCWFYFTYSVNGNNEVMVHVVEN
PECPTGPDDTSGLEVLFQ
;
B
3 'polypeptide(L)'
;MGLNDIFEAQKIEWHEGGSGGGEVEVHGRGDIPRSSLELFEKVAKELGLKVERNHRTVTVKGVSEEQIRELEEVAKKLGL
WVLVRVTEGGSLEHHHHHH
;
C
#
loop_
_chem_comp.id
_chem_comp.type
_chem_comp.name
_chem_comp.formula
BMA D-saccharide, beta linking beta-D-mannopyranose 'C6 H12 O6'
CA non-polymer 'CALCIUM ION' 'Ca 2'
FUC L-saccharide, alpha linking alpha-L-fucopyranose 'C6 H12 O5'
MAN D-saccharide, alpha linking alpha-D-mannopyranose 'C6 H12 O6'
MN non-polymer 'MANGANESE (II) ION' 'Mn 2'
NAG D-saccharide, beta linking 2-acetamido-2-deoxy-beta-D-glucopyranose 'C8 H15 N O6'
#
# COMPACT_ATOMS: atom_id res chain seq x y z
N PHE A 42 -23.51 21.24 -11.76
CA PHE A 42 -24.54 21.99 -10.99
C PHE A 42 -24.07 23.41 -10.68
N ASN A 43 -23.39 23.57 -9.54
CA ASN A 43 -22.99 24.90 -9.08
C ASN A 43 -21.62 25.29 -9.61
N LEU A 44 -20.60 24.48 -9.34
CA LEU A 44 -19.25 24.82 -9.74
C LEU A 44 -19.18 25.08 -11.23
N ASP A 45 -18.52 26.17 -11.61
CA ASP A 45 -18.48 26.63 -12.99
C ASP A 45 -17.50 25.77 -13.77
N ALA A 46 -17.94 24.55 -14.09
CA ALA A 46 -17.11 23.62 -14.84
C ALA A 46 -16.97 24.01 -16.30
N GLU A 47 -17.73 25.01 -16.77
CA GLU A 47 -17.65 25.40 -18.17
C GLU A 47 -16.25 25.92 -18.52
N ALA A 48 -15.66 26.72 -17.65
CA ALA A 48 -14.34 27.29 -17.92
C ALA A 48 -13.65 27.66 -16.62
N PRO A 49 -12.95 26.73 -15.97
CA PRO A 49 -12.21 27.07 -14.76
C PRO A 49 -10.86 27.69 -15.07
N ALA A 50 -10.22 28.21 -14.02
CA ALA A 50 -8.88 28.77 -14.12
C ALA A 50 -7.85 27.67 -13.95
N VAL A 51 -6.80 27.72 -14.77
CA VAL A 51 -5.75 26.70 -14.79
C VAL A 51 -4.43 27.35 -14.44
N LEU A 52 -3.76 26.81 -13.43
CA LEU A 52 -2.43 27.27 -13.03
C LEU A 52 -1.42 26.17 -13.33
N SER A 53 -0.39 26.51 -14.09
CA SER A 53 0.61 25.56 -14.56
C SER A 53 1.99 25.95 -14.06
N GLY A 54 2.77 24.95 -13.64
CA GLY A 54 4.10 25.16 -13.14
C GLY A 54 5.15 24.59 -14.07
N PRO A 55 6.40 24.53 -13.60
CA PRO A 55 7.47 24.01 -14.45
C PRO A 55 7.24 22.55 -14.76
N PRO A 56 7.65 22.10 -15.95
CA PRO A 56 7.43 20.69 -16.31
C PRO A 56 8.22 19.76 -15.40
N GLY A 57 7.63 18.61 -15.11
CA GLY A 57 8.28 17.60 -14.30
C GLY A 57 8.52 17.99 -12.87
N SER A 58 7.89 19.06 -12.39
CA SER A 58 8.09 19.56 -11.04
C SER A 58 7.02 19.10 -10.06
N PHE A 59 6.07 18.27 -10.48
CA PHE A 59 4.98 17.82 -9.63
C PHE A 59 4.18 19.00 -9.09
N PHE A 60 4.08 20.08 -9.87
CA PHE A 60 3.29 21.23 -9.46
C PHE A 60 1.84 20.80 -9.24
N GLY A 61 1.30 21.20 -8.10
CA GLY A 61 -0.05 20.82 -7.73
C GLY A 61 -0.15 19.60 -6.83
N PHE A 62 0.98 19.05 -6.37
CA PHE A 62 0.93 17.92 -5.44
C PHE A 62 0.16 18.28 -4.17
N SER A 63 0.18 19.55 -3.77
CA SER A 63 -0.58 20.01 -2.62
C SER A 63 -1.04 21.43 -2.88
N VAL A 64 -2.25 21.75 -2.44
CA VAL A 64 -2.86 23.04 -2.67
C VAL A 64 -3.45 23.56 -1.37
N GLU A 65 -3.64 24.88 -1.31
CA GLU A 65 -4.19 25.52 -0.13
C GLU A 65 -4.61 26.94 -0.48
N PHE A 66 -5.46 27.50 0.36
CA PHE A 66 -5.90 28.89 0.26
C PHE A 66 -5.08 29.75 1.21
N TYR A 67 -4.86 31.00 0.82
CA TYR A 67 -4.08 31.95 1.62
C TYR A 67 -4.82 33.26 1.71
N ARG A 68 -5.01 33.74 2.94
CA ARG A 68 -5.66 35.02 3.20
C ARG A 68 -7.00 35.14 2.45
N PRO A 69 -7.94 34.25 2.70
CA PRO A 69 -9.23 34.33 2.01
C PRO A 69 -10.12 35.40 2.61
N GLY A 70 -11.04 35.88 1.79
CA GLY A 70 -11.96 36.92 2.24
C GLY A 70 -11.26 38.20 2.66
N THR A 71 -10.23 38.59 1.92
CA THR A 71 -9.48 39.81 2.24
C THR A 71 -8.52 40.10 1.08
N ASP A 72 -8.03 41.33 1.05
CA ASP A 72 -7.07 41.70 0.03
C ASP A 72 -5.83 40.83 0.13
N GLY A 73 -5.29 40.46 -1.02
CA GLY A 73 -4.16 39.55 -1.07
C GLY A 73 -4.52 38.08 -1.09
N VAL A 74 -5.81 37.75 -1.21
CA VAL A 74 -6.20 36.35 -1.30
C VAL A 74 -5.43 35.68 -2.42
N SER A 75 -4.89 34.51 -2.13
CA SER A 75 -4.01 33.82 -3.07
C SER A 75 -4.13 32.33 -2.87
N VAL A 76 -3.59 31.57 -3.83
CA VAL A 76 -3.61 30.12 -3.82
C VAL A 76 -2.16 29.63 -3.75
N LEU A 77 -1.87 28.78 -2.77
CA LEU A 77 -0.55 28.22 -2.58
C LEU A 77 -0.51 26.83 -3.21
N VAL A 78 0.51 26.58 -4.02
CA VAL A 78 0.68 25.30 -4.71
C VAL A 78 2.09 24.79 -4.43
N GLY A 79 2.20 23.51 -4.07
CA GLY A 79 3.48 22.89 -3.80
C GLY A 79 3.99 22.12 -5.00
N ALA A 80 5.31 22.18 -5.20
CA ALA A 80 5.98 21.48 -6.30
C ALA A 80 7.13 20.68 -5.68
N PRO A 81 6.85 19.47 -5.19
CA PRO A 81 7.89 18.74 -4.43
C PRO A 81 9.18 18.52 -5.18
N LYS A 82 9.14 18.38 -6.50
CA LYS A 82 10.31 18.07 -7.31
C LYS A 82 10.69 19.22 -8.23
N ALA A 83 10.59 20.46 -7.73
CA ALA A 83 10.91 21.64 -8.50
C ALA A 83 12.34 22.08 -8.21
N ASN A 84 13.10 22.37 -9.25
CA ASN A 84 14.46 22.86 -9.07
C ASN A 84 14.44 24.26 -8.48
N THR A 85 15.20 24.46 -7.42
CA THR A 85 15.28 25.74 -6.73
C THR A 85 16.68 26.32 -6.89
N SER A 86 16.79 27.63 -6.63
CA SER A 86 18.06 28.33 -6.73
C SER A 86 18.79 28.35 -5.38
N GLN A 87 18.95 27.16 -4.77
CA GLN A 87 19.69 27.04 -3.53
C GLN A 87 21.11 26.57 -3.80
N PRO A 88 22.09 26.97 -2.98
CA PRO A 88 23.47 26.52 -3.23
C PRO A 88 23.64 25.02 -3.10
N GLY A 89 23.94 24.36 -4.21
CA GLY A 89 24.22 22.94 -4.20
C GLY A 89 23.07 22.08 -3.72
N VAL A 90 21.87 22.34 -4.22
CA VAL A 90 20.69 21.54 -3.91
C VAL A 90 20.00 21.21 -5.23
N LEU A 91 19.67 19.93 -5.41
CA LEU A 91 19.05 19.43 -6.63
C LEU A 91 17.65 18.94 -6.31
N GLN A 92 16.65 19.50 -7.00
CA GLN A 92 15.25 19.15 -6.79
C GLN A 92 14.89 19.22 -5.31
N GLY A 93 15.17 20.38 -4.71
CA GLY A 93 14.91 20.56 -3.29
C GLY A 93 13.47 20.84 -2.93
N GLY A 94 12.59 21.03 -3.91
CA GLY A 94 11.21 21.34 -3.66
C GLY A 94 10.96 22.84 -3.56
N ALA A 95 9.70 23.22 -3.75
CA ALA A 95 9.33 24.63 -3.73
C ALA A 95 7.84 24.75 -3.45
N VAL A 96 7.44 25.95 -3.05
CA VAL A 96 6.05 26.32 -2.85
C VAL A 96 5.78 27.59 -3.62
N TYR A 97 4.72 27.60 -4.40
CA TYR A 97 4.40 28.72 -5.29
C TYR A 97 3.27 29.57 -4.71
N LEU A 98 3.35 30.86 -4.96
CA LEU A 98 2.30 31.81 -4.59
C LEU A 98 1.65 32.32 -5.87
N CYS A 99 0.34 32.10 -6.00
CA CYS A 99 -0.41 32.48 -7.19
C CYS A 99 -1.48 33.50 -6.82
N PRO A 100 -1.21 34.80 -6.98
CA PRO A 100 -2.22 35.80 -6.62
C PRO A 100 -3.50 35.61 -7.42
N TRP A 101 -4.63 35.85 -6.77
CA TRP A 101 -5.94 35.68 -7.38
C TRP A 101 -6.47 37.03 -7.84
N GLY A 102 -7.19 37.02 -8.96
CA GLY A 102 -7.77 38.23 -9.50
C GLY A 102 -7.09 38.70 -10.77
N ALA A 103 -5.76 38.62 -10.78
CA ALA A 103 -5.01 38.96 -11.99
C ALA A 103 -5.40 38.04 -13.13
N SER A 104 -5.62 38.61 -14.31
CA SER A 104 -6.06 37.79 -15.44
C SER A 104 -5.07 36.68 -15.78
N PRO A 105 -3.75 36.92 -15.85
CA PRO A 105 -2.85 35.81 -16.18
C PRO A 105 -2.68 34.80 -15.06
N THR A 106 -2.95 35.20 -13.81
CA THR A 106 -2.76 34.32 -12.66
C THR A 106 -1.33 33.77 -12.62
N GLN A 107 -0.37 34.65 -12.89
CA GLN A 107 1.03 34.24 -12.86
C GLN A 107 1.40 33.71 -11.49
N CYS A 108 2.12 32.59 -11.47
CA CYS A 108 2.57 31.95 -10.24
C CYS A 108 4.07 32.17 -10.08
N THR A 109 4.48 32.53 -8.87
CA THR A 109 5.88 32.75 -8.56
C THR A 109 6.26 31.94 -7.32
N PRO A 110 7.53 31.55 -7.19
CA PRO A 110 7.95 30.74 -6.05
C PRO A 110 8.32 31.58 -4.83
N ILE A 111 8.00 31.04 -3.66
CA ILE A 111 8.35 31.67 -2.40
C ILE A 111 9.73 31.19 -1.98
N GLU A 112 10.53 32.09 -1.43
CA GLU A 112 11.90 31.78 -1.01
C GLU A 112 11.88 31.51 0.49
N PHE A 113 11.38 30.33 0.85
CA PHE A 113 11.36 29.93 2.25
C PHE A 113 12.77 29.81 2.81
N ASP A 114 13.68 29.23 2.03
CA ASP A 114 15.07 29.06 2.45
C ASP A 114 15.95 29.04 1.22
N SER A 115 17.05 29.80 1.26
CA SER A 115 18.00 29.86 0.16
C SER A 115 19.39 29.44 0.60
N LYS A 116 19.50 28.70 1.71
CA LYS A 116 20.77 28.23 2.23
C LYS A 116 20.93 26.75 1.88
N GLY A 117 22.03 26.41 1.22
CA GLY A 117 22.30 25.03 0.87
C GLY A 117 22.43 24.16 2.09
N SER A 118 22.69 22.86 1.89
CA SER A 118 22.85 21.96 3.02
C SER A 118 23.99 22.43 3.91
N ARG A 119 23.75 22.43 5.21
CA ARG A 119 24.77 22.86 6.16
C ARG A 119 25.97 21.93 6.11
N LEU A 120 27.03 22.33 6.81
CA LEU A 120 28.26 21.55 6.88
C LEU A 120 28.57 21.24 8.34
N LEU A 121 29.12 20.05 8.58
CA LEU A 121 29.49 19.66 9.93
C LEU A 121 30.74 20.44 10.36
N GLU A 122 30.68 21.02 11.56
CA GLU A 122 31.80 21.83 12.04
C GLU A 122 33.06 20.99 12.16
N SER A 123 32.94 19.76 12.66
CA SER A 123 34.11 18.90 12.79
C SER A 123 34.72 18.58 11.43
N SER A 124 33.89 18.45 10.40
CA SER A 124 34.40 18.11 9.08
C SER A 124 35.37 19.18 8.58
N LEU A 125 34.95 20.45 8.63
CA LEU A 125 35.83 21.52 8.17
C LEU A 125 36.94 21.79 9.18
N SER A 126 36.73 21.47 10.46
CA SER A 126 37.78 21.62 11.45
C SER A 126 38.85 20.54 11.31
N SER A 127 38.43 19.30 11.07
CA SER A 127 39.35 18.19 10.95
C SER A 127 39.79 18.05 9.49
N SER A 128 40.46 16.95 9.17
CA SER A 128 40.95 16.70 7.82
C SER A 128 39.87 16.07 6.93
N GLU A 129 38.71 16.71 6.87
CA GLU A 129 37.60 16.29 6.03
C GLU A 129 37.19 17.34 5.02
N GLY A 130 37.07 18.60 5.43
CA GLY A 130 36.72 19.67 4.53
C GLY A 130 35.23 19.86 4.36
N GLU A 131 34.59 18.92 3.66
CA GLU A 131 33.16 18.99 3.38
C GLU A 131 32.50 17.69 3.81
N GLU A 132 31.46 17.80 4.62
CA GLU A 132 30.65 16.66 5.02
C GLU A 132 29.30 17.16 5.51
N PRO A 133 28.36 17.42 4.62
CA PRO A 133 27.10 18.05 5.03
C PRO A 133 26.42 17.28 6.16
N VAL A 134 25.95 18.02 7.15
CA VAL A 134 25.12 17.41 8.19
C VAL A 134 23.74 17.06 7.63
N GLU A 135 23.18 17.94 6.82
CA GLU A 135 21.85 17.76 6.24
C GLU A 135 21.97 17.30 4.80
N TYR A 136 20.89 16.69 4.31
CA TYR A 136 20.77 16.28 2.91
C TYR A 136 19.47 16.87 2.39
N LYS A 137 19.55 18.12 1.92
CA LYS A 137 18.37 18.83 1.45
C LYS A 137 18.00 18.49 0.01
N SER A 138 18.91 17.87 -0.74
CA SER A 138 18.61 17.51 -2.11
C SER A 138 17.57 16.39 -2.16
N LEU A 139 16.63 16.51 -3.09
CA LEU A 139 15.54 15.54 -3.23
C LEU A 139 14.80 15.36 -1.91
N GLN A 140 14.54 16.47 -1.22
CA GLN A 140 13.88 16.44 0.07
C GLN A 140 12.36 16.49 -0.03
N TRP A 141 11.81 16.66 -1.22
CA TRP A 141 10.35 16.65 -1.40
C TRP A 141 9.69 17.74 -0.55
N PHE A 142 10.36 18.87 -0.42
CA PHE A 142 9.80 20.01 0.29
C PHE A 142 8.61 20.57 -0.48
N GLY A 143 7.62 21.05 0.27
CA GLY A 143 6.39 21.54 -0.33
C GLY A 143 5.36 20.48 -0.62
N ALA A 144 5.57 19.24 -0.16
CA ALA A 144 4.59 18.18 -0.33
C ALA A 144 3.36 18.39 0.53
N THR A 145 3.39 19.34 1.46
CA THR A 145 2.24 19.60 2.33
C THR A 145 2.24 21.10 2.64
N VAL A 146 1.28 21.82 2.08
CA VAL A 146 1.15 23.26 2.28
C VAL A 146 -0.15 23.52 3.02
N ARG A 147 -0.05 24.13 4.19
CA ARG A 147 -1.22 24.48 4.99
C ARG A 147 -1.07 25.90 5.49
N ALA A 148 -2.18 26.63 5.51
CA ALA A 148 -2.17 28.03 5.94
C ALA A 148 -3.35 28.27 6.87
N HIS A 149 -3.18 29.25 7.75
CA HIS A 149 -4.24 29.64 8.68
C HIS A 149 -4.01 31.10 9.04
N GLY A 150 -4.78 32.00 8.42
CA GLY A 150 -4.59 33.41 8.61
C GLY A 150 -3.35 33.91 7.90
N SER A 151 -2.44 34.51 8.65
CA SER A 151 -1.20 35.04 8.08
C SER A 151 -0.05 34.05 8.15
N SER A 152 -0.27 32.84 8.66
CA SER A 152 0.77 31.85 8.81
C SER A 152 0.69 30.80 7.71
N ILE A 153 1.85 30.28 7.32
CA ILE A 153 1.95 29.22 6.33
C ILE A 153 2.83 28.13 6.91
N LEU A 154 2.64 26.90 6.42
CA LEU A 154 3.36 25.73 6.94
C LEU A 154 3.68 24.82 5.76
N ALA A 155 4.95 24.79 5.36
CA ALA A 155 5.43 23.91 4.30
C ALA A 155 6.40 22.89 4.89
N CYS A 156 6.13 21.62 4.67
CA CYS A 156 6.90 20.53 5.25
C CYS A 156 7.65 19.76 4.18
N ALA A 157 8.75 19.13 4.60
CA ALA A 157 9.61 18.34 3.72
C ALA A 157 9.72 16.94 4.32
N PRO A 158 8.81 16.03 3.97
CA PRO A 158 8.81 14.72 4.64
C PRO A 158 10.10 13.92 4.47
N LEU A 159 10.80 14.07 3.35
CA LEU A 159 11.96 13.25 3.06
C LEU A 159 13.28 13.95 3.38
N TYR A 160 13.26 14.90 4.30
CA TYR A 160 14.50 15.52 4.75
C TYR A 160 15.29 14.54 5.61
N SER A 161 16.58 14.38 5.29
CA SER A 161 17.46 13.49 6.04
C SER A 161 18.76 14.23 6.35
N TRP A 162 19.39 13.85 7.46
CA TRP A 162 20.51 14.63 7.96
C TRP A 162 21.46 13.72 8.71
N ARG A 163 22.74 13.75 8.35
CA ARG A 163 23.73 12.95 9.04
C ARG A 163 23.79 13.35 10.50
N THR A 164 23.69 12.36 11.39
CA THR A 164 23.76 12.64 12.81
C THR A 164 25.16 13.14 13.18
N GLU A 165 25.20 14.12 14.08
CA GLU A 165 26.48 14.71 14.46
C GLU A 165 27.36 13.76 15.26
N LYS A 166 26.79 12.68 15.80
CA LYS A 166 27.55 11.74 16.61
C LYS A 166 28.20 10.66 15.74
N GLU A 167 27.38 9.90 15.01
CA GLU A 167 27.88 8.90 14.08
C GLU A 167 27.18 9.05 12.74
N PRO A 168 27.82 8.64 11.65
CA PRO A 168 27.18 8.78 10.34
C PRO A 168 25.86 8.04 10.29
N LEU A 169 24.86 8.69 9.69
CA LEU A 169 23.53 8.11 9.54
C LEU A 169 22.85 8.82 8.38
N SER A 170 21.64 8.35 8.06
CA SER A 170 20.82 8.96 7.03
C SER A 170 19.37 9.04 7.48
N ASP A 171 19.15 9.46 8.72
CA ASP A 171 17.82 9.47 9.31
C ASP A 171 16.93 10.46 8.56
N PRO A 172 15.83 10.02 7.94
CA PRO A 172 14.93 10.96 7.24
C PRO A 172 13.83 11.52 8.14
N VAL A 173 14.23 12.39 9.06
CA VAL A 173 13.27 13.06 9.95
C VAL A 173 12.46 14.05 9.14
N GLY A 174 11.41 14.59 9.74
CA GLY A 174 10.61 15.63 9.12
C GLY A 174 11.06 17.00 9.57
N THR A 175 11.07 17.94 8.62
CA THR A 175 11.36 19.33 8.89
C THR A 175 10.31 20.20 8.22
N CYS A 176 9.82 21.20 8.95
CA CYS A 176 8.78 22.09 8.46
C CYS A 176 9.18 23.53 8.71
N TYR A 177 8.75 24.41 7.82
CA TYR A 177 8.96 25.84 7.95
C TYR A 177 7.63 26.53 8.22
N LEU A 178 7.64 27.53 9.09
CA LEU A 178 6.41 28.19 9.54
C LEU A 178 6.56 29.70 9.30
N SER A 179 6.15 30.16 8.13
CA SER A 179 6.10 31.58 7.86
C SER A 179 5.08 32.25 8.76
N THR A 180 5.43 33.42 9.29
CA THR A 180 4.57 34.15 10.21
C THR A 180 4.50 35.60 9.79
N ASP A 181 3.30 36.19 9.92
CA ASP A 181 3.07 37.60 9.63
C ASP A 181 3.52 37.95 8.20
N ASN A 182 2.91 37.27 7.24
CA ASN A 182 3.12 37.57 5.83
C ASN A 182 4.61 37.53 5.47
N PHE A 183 5.28 36.46 5.90
CA PHE A 183 6.69 36.23 5.58
C PHE A 183 7.61 37.19 6.32
N THR A 184 7.17 37.71 7.47
CA THR A 184 8.01 38.60 8.25
C THR A 184 9.09 37.84 9.02
N ARG A 185 8.81 36.60 9.43
CA ARG A 185 9.72 35.85 10.29
C ARG A 185 9.48 34.37 10.04
N ILE A 186 10.37 33.74 9.28
CA ILE A 186 10.25 32.32 8.95
C ILE A 186 11.00 31.50 9.98
N LEU A 187 10.28 30.63 10.68
CA LEU A 187 10.88 29.72 11.64
C LEU A 187 11.08 28.35 10.98
N GLU A 188 11.64 27.42 11.75
CA GLU A 188 11.80 26.04 11.30
C GLU A 188 11.35 25.11 12.42
N TYR A 189 10.51 24.14 12.06
CA TYR A 189 9.96 23.18 13.02
C TYR A 189 10.32 21.77 12.54
N ALA A 190 11.25 21.13 13.24
CA ALA A 190 11.66 19.76 12.96
C ALA A 190 11.61 18.99 14.27
N PRO A 191 10.42 18.76 14.81
CA PRO A 191 10.31 18.17 16.15
C PRO A 191 10.91 16.77 16.25
N CYS A 192 10.81 15.96 15.20
CA CYS A 192 11.34 14.61 15.24
C CYS A 192 12.86 14.57 15.19
N ARG A 193 13.51 15.66 14.81
CA ARG A 193 14.97 15.75 14.81
C ARG A 193 15.43 15.94 16.25
N SER A 194 15.52 14.82 16.97
CA SER A 194 15.79 14.87 18.40
C SER A 194 16.95 13.95 18.79
N ASP A 195 17.15 13.78 20.10
CA ASP A 195 18.26 12.95 20.58
C ASP A 195 18.11 11.50 20.13
N PHE A 196 16.89 10.97 20.22
CA PHE A 196 16.63 9.59 19.82
C PHE A 196 16.69 9.52 18.30
N SER A 197 17.81 9.04 17.77
CA SER A 197 18.11 9.13 16.34
C SER A 197 18.40 7.75 15.78
N TRP A 198 17.34 7.04 15.40
CA TRP A 198 17.42 5.86 14.55
C TRP A 198 16.00 5.38 14.35
N ALA A 199 15.85 4.36 13.49
CA ALA A 199 14.53 3.75 13.31
C ALA A 199 13.94 3.31 14.63
N ALA A 200 14.78 2.85 15.57
CA ALA A 200 14.29 2.50 16.89
C ALA A 200 13.77 3.71 17.66
N GLY A 201 14.09 4.92 17.20
CA GLY A 201 13.55 6.13 17.79
C GLY A 201 12.79 6.95 16.77
N GLN A 202 13.04 8.25 16.74
CA GLN A 202 12.38 9.16 15.81
C GLN A 202 13.24 9.47 14.59
N GLY A 203 14.33 8.75 14.39
CA GLY A 203 15.20 9.04 13.27
C GLY A 203 14.48 8.96 11.93
N TYR A 204 13.68 7.91 11.74
CA TYR A 204 12.90 7.74 10.53
C TYR A 204 11.48 8.26 10.68
N CYS A 205 11.31 9.31 11.49
CA CYS A 205 9.98 9.85 11.75
C CYS A 205 9.29 10.30 10.47
N GLN A 206 10.03 10.95 9.57
CA GLN A 206 9.45 11.52 8.36
C GLN A 206 8.31 12.47 8.71
N GLY A 207 8.49 13.25 9.77
CA GLY A 207 7.49 14.19 10.20
C GLY A 207 7.06 15.12 9.07
N GLY A 208 5.90 15.73 9.22
CA GLY A 208 5.37 16.57 8.17
C GLY A 208 4.77 15.82 7.00
N PHE A 209 4.72 14.50 7.06
CA PHE A 209 4.04 13.73 6.02
C PHE A 209 2.59 14.16 5.90
N SER A 210 2.00 14.63 6.99
CA SER A 210 0.65 15.18 6.99
C SER A 210 0.57 16.23 8.07
N ALA A 211 0.06 17.41 7.73
CA ALA A 211 -0.01 18.54 8.65
C ALA A 211 -1.40 19.14 8.62
N GLU A 212 -1.67 20.00 9.60
CA GLU A 212 -2.98 20.64 9.70
C GLU A 212 -2.88 21.80 10.68
N PHE A 213 -3.82 22.73 10.56
CA PHE A 213 -3.96 23.86 11.47
C PHE A 213 -5.29 23.77 12.18
N THR A 214 -5.27 23.86 13.50
CA THR A 214 -6.51 23.96 14.26
C THR A 214 -7.05 25.38 14.18
N LYS A 215 -8.32 25.55 14.59
CA LYS A 215 -8.95 26.86 14.49
C LYS A 215 -8.23 27.91 15.32
N THR A 216 -7.45 27.49 16.31
CA THR A 216 -6.70 28.42 17.16
C THR A 216 -5.24 28.57 16.72
N GLY A 217 -4.87 28.02 15.57
CA GLY A 217 -3.53 28.17 15.04
C GLY A 217 -2.55 27.10 15.44
N ARG A 218 -2.96 26.14 16.28
CA ARG A 218 -2.04 25.08 16.69
C ARG A 218 -1.61 24.25 15.48
N VAL A 219 -0.36 23.80 15.51
CA VAL A 219 0.23 23.03 14.41
C VAL A 219 0.20 21.57 14.79
N VAL A 220 -0.34 20.73 13.91
CA VAL A 220 -0.44 19.29 14.12
C VAL A 220 0.35 18.60 13.02
N LEU A 221 1.23 17.67 13.41
CA LEU A 221 2.06 16.93 12.48
C LEU A 221 1.90 15.44 12.73
N GLY A 222 2.12 14.65 11.69
CA GLY A 222 2.05 13.20 11.80
C GLY A 222 3.27 12.52 11.21
N GLY A 223 4.02 11.81 12.04
CA GLY A 223 5.19 11.10 11.58
C GLY A 223 4.92 9.61 11.42
N PRO A 224 4.71 9.16 10.19
CA PRO A 224 4.40 7.73 9.99
C PRO A 224 5.52 6.79 10.40
N GLY A 225 6.78 7.22 10.28
CA GLY A 225 7.90 6.31 10.44
C GLY A 225 8.58 6.30 11.79
N SER A 226 7.91 6.80 12.82
CA SER A 226 8.51 6.87 14.15
C SER A 226 8.42 5.51 14.85
N TYR A 227 9.43 5.23 15.68
CA TYR A 227 9.48 4.01 16.48
C TYR A 227 9.22 2.78 15.62
N PHE A 228 10.13 2.53 14.68
CA PHE A 228 10.02 1.41 13.76
C PHE A 228 8.68 1.41 13.05
N TRP A 229 8.35 2.57 12.49
CA TRP A 229 7.13 2.76 11.70
C TRP A 229 5.87 2.51 12.52
N GLN A 230 5.94 2.65 13.84
CA GLN A 230 4.73 2.66 14.65
C GLN A 230 3.86 3.85 14.29
N GLY A 231 4.47 5.00 14.06
CA GLY A 231 3.77 6.23 13.80
C GLY A 231 3.72 7.12 15.04
N GLN A 232 3.38 8.39 14.81
CA GLN A 232 3.36 9.36 15.90
C GLN A 232 2.65 10.63 15.51
N ILE A 233 1.70 11.07 16.33
CA ILE A 233 1.08 12.38 16.19
C ILE A 233 1.86 13.35 17.08
N LEU A 234 1.95 14.60 16.63
CA LEU A 234 2.96 15.51 17.15
C LEU A 234 2.54 16.94 16.84
N SER A 235 2.28 17.72 17.88
CA SER A 235 1.69 19.04 17.72
C SER A 235 2.29 20.02 18.70
N ALA A 236 2.19 21.31 18.37
CA ALA A 236 2.65 22.39 19.23
C ALA A 236 2.12 23.71 18.69
N THR A 237 1.79 24.63 19.60
CA THR A 237 1.24 25.91 19.19
C THR A 237 2.34 26.83 18.67
N GLN A 238 1.95 27.76 17.81
CA GLN A 238 2.93 28.64 17.15
C GLN A 238 3.70 29.46 18.18
N GLU A 239 3.04 29.87 19.26
CA GLU A 239 3.74 30.64 20.29
C GLU A 239 4.88 29.82 20.89
N GLN A 240 4.64 28.54 21.17
CA GLN A 240 5.69 27.68 21.71
C GLN A 240 6.82 27.50 20.71
N ILE A 241 6.50 27.33 19.43
CA ILE A 241 7.53 27.16 18.42
C ILE A 241 8.41 28.40 18.34
N ALA A 242 7.79 29.58 18.30
CA ALA A 242 8.56 30.81 18.18
C ALA A 242 9.36 31.09 19.43
N GLU A 243 8.79 30.82 20.61
CA GLU A 243 9.46 31.13 21.86
C GLU A 243 10.76 30.34 22.00
N SER A 244 10.75 29.07 21.62
CA SER A 244 11.89 28.18 21.80
C SER A 244 12.80 28.14 20.58
N TYR A 245 12.52 28.91 19.54
CA TYR A 245 13.35 28.88 18.35
C TYR A 245 14.77 29.31 18.70
N TYR A 246 15.74 28.52 18.23
CA TYR A 246 17.15 28.79 18.50
C TYR A 246 17.98 28.03 17.47
N PRO A 247 18.25 28.62 16.30
CA PRO A 247 18.75 27.81 15.17
C PRO A 247 20.18 27.33 15.30
N GLU A 248 20.90 27.70 16.37
CA GLU A 248 22.29 27.27 16.49
C GLU A 248 22.37 25.76 16.69
N TYR A 249 21.58 25.22 17.60
CA TYR A 249 21.54 23.78 17.81
C TYR A 249 20.58 23.12 16.83
N LEU A 250 21.07 22.12 16.11
CA LEU A 250 20.21 21.38 15.19
C LEU A 250 19.12 20.64 15.94
N ILE A 251 19.46 20.05 17.08
CA ILE A 251 18.50 19.35 17.92
C ILE A 251 17.86 20.38 18.84
N ASN A 252 16.66 20.81 18.50
CA ASN A 252 15.92 21.82 19.25
C ASN A 252 14.68 21.19 19.86
N LEU A 253 14.48 21.39 21.16
CA LEU A 253 13.34 20.83 21.89
C LEU A 253 12.34 21.95 22.17
N VAL A 254 11.09 21.72 21.79
CA VAL A 254 10.03 22.70 21.98
C VAL A 254 9.35 22.43 23.32
N GLN A 255 9.22 23.48 24.13
CA GLN A 255 8.63 23.34 25.45
C GLN A 255 7.13 23.12 25.35
N GLY A 256 6.60 22.26 26.22
CA GLY A 256 5.17 22.01 26.27
C GLY A 256 4.60 21.30 25.07
N GLN A 257 5.44 20.66 24.26
CA GLN A 257 4.96 19.99 23.07
C GLN A 257 4.16 18.75 23.44
N LEU A 258 3.17 18.43 22.60
CA LEU A 258 2.31 17.27 22.79
C LEU A 258 2.64 16.22 21.75
N GLN A 259 2.81 14.97 22.18
CA GLN A 259 3.15 13.89 21.27
C GLN A 259 2.67 12.57 21.85
N THR A 260 2.40 11.62 20.95
CA THR A 260 1.97 10.28 21.35
C THR A 260 3.18 9.46 21.79
N ARG A 261 3.00 8.70 22.86
CA ARG A 261 4.08 7.91 23.42
C ARG A 261 4.34 6.67 22.59
N GLN A 262 5.51 6.07 22.82
CA GLN A 262 5.87 4.83 22.15
C GLN A 262 5.11 3.65 22.74
N ALA A 263 4.75 2.70 21.89
CA ALA A 263 3.99 1.52 22.28
C ALA A 263 4.83 0.26 22.11
N SER A 264 4.29 -0.84 22.60
CA SER A 264 5.00 -2.12 22.54
C SER A 264 5.35 -2.46 21.09
N SER A 265 6.26 -3.42 20.95
CA SER A 265 6.75 -3.80 19.62
C SER A 265 5.66 -4.39 18.75
N ILE A 266 4.60 -4.93 19.33
CA ILE A 266 3.54 -5.56 18.56
C ILE A 266 2.82 -4.58 17.65
N TYR A 267 3.01 -3.27 17.86
CA TYR A 267 2.33 -2.25 17.08
C TYR A 267 3.21 -1.68 15.97
N ASP A 268 4.33 -2.33 15.67
CA ASP A 268 5.22 -1.82 14.64
C ASP A 268 4.56 -1.86 13.26
N ASP A 269 5.05 -1.00 12.37
CA ASP A 269 4.55 -0.93 10.99
C ASP A 269 3.05 -0.64 10.96
N SER A 270 2.60 0.25 11.84
CA SER A 270 1.22 0.70 11.83
C SER A 270 0.99 1.94 10.99
N TYR A 271 2.02 2.76 10.79
CA TYR A 271 1.93 3.97 9.98
C TYR A 271 0.94 4.98 10.56
N LEU A 272 0.82 5.04 11.87
CA LEU A 272 0.00 6.06 12.49
C LEU A 272 0.49 7.44 12.09
N GLY A 273 -0.43 8.30 11.69
CA GLY A 273 -0.08 9.62 11.20
C GLY A 273 0.05 9.72 9.70
N TYR A 274 -0.34 8.70 8.95
CA TYR A 274 -0.31 8.77 7.50
C TYR A 274 -1.11 9.96 6.98
N SER A 275 -2.20 10.30 7.67
CA SER A 275 -3.02 11.44 7.32
C SER A 275 -3.72 11.93 8.58
N VAL A 276 -3.89 13.25 8.70
CA VAL A 276 -4.45 13.85 9.89
C VAL A 276 -5.56 14.82 9.52
N ALA A 277 -6.44 15.06 10.48
CA ALA A 277 -7.52 16.04 10.34
C ALA A 277 -7.90 16.50 11.74
N VAL A 278 -8.65 17.60 11.79
CA VAL A 278 -9.01 18.23 13.06
C VAL A 278 -10.51 18.49 13.09
N GLY A 279 -11.12 18.23 14.24
CA GLY A 279 -12.53 18.51 14.44
C GLY A 279 -12.88 18.39 15.90
N GLU A 280 -14.06 18.88 16.24
CA GLU A 280 -14.53 18.88 17.62
C GLU A 280 -15.32 17.58 17.84
N PHE A 281 -14.79 16.71 18.69
CA PHE A 281 -15.37 15.39 18.90
C PHE A 281 -15.51 15.00 20.37
N SER A 282 -15.19 15.89 21.31
CA SER A 282 -15.21 15.56 22.72
C SER A 282 -16.08 16.50 23.55
N GLY A 283 -16.73 17.48 22.94
CA GLY A 283 -17.52 18.44 23.68
C GLY A 283 -16.74 19.57 24.31
N ASP A 284 -15.42 19.61 24.12
CA ASP A 284 -14.59 20.68 24.63
C ASP A 284 -14.55 21.83 23.63
N ASP A 285 -13.84 22.88 23.98
CA ASP A 285 -13.67 24.04 23.12
C ASP A 285 -12.46 23.94 22.21
N THR A 286 -11.64 22.90 22.36
CA THR A 286 -10.42 22.72 21.59
C THR A 286 -10.63 21.63 20.55
N GLU A 287 -10.27 21.93 19.30
CA GLU A 287 -10.41 20.95 18.23
C GLU A 287 -9.60 19.70 18.55
N ASP A 288 -10.20 18.54 18.30
CA ASP A 288 -9.59 17.26 18.61
C ASP A 288 -8.94 16.69 17.36
N PHE A 289 -7.88 15.90 17.56
CA PHE A 289 -7.06 15.41 16.46
C PHE A 289 -7.65 14.11 15.90
N VAL A 290 -7.68 14.01 14.57
CA VAL A 290 -8.08 12.81 13.87
C VAL A 290 -6.88 12.32 13.08
N ALA A 291 -6.49 11.06 13.30
CA ALA A 291 -5.31 10.49 12.68
C ALA A 291 -5.66 9.14 12.06
N GLY A 292 -4.96 8.81 10.98
CA GLY A 292 -5.17 7.56 10.27
C GLY A 292 -4.06 6.57 10.55
N VAL A 293 -4.43 5.30 10.71
CA VAL A 293 -3.49 4.22 10.96
C VAL A 293 -3.75 3.14 9.92
N PRO A 294 -3.36 3.36 8.66
CA PRO A 294 -3.83 2.46 7.59
C PRO A 294 -3.40 1.01 7.76
N LYS A 295 -2.21 0.76 8.28
CA LYS A 295 -1.66 -0.59 8.36
C LYS A 295 -1.77 -1.20 9.75
N GLY A 296 -2.49 -0.57 10.65
CA GLY A 296 -2.67 -1.13 11.98
C GLY A 296 -3.65 -2.31 11.97
N ASN A 297 -3.66 -3.02 13.09
CA ASN A 297 -4.54 -4.18 13.26
C ASN A 297 -4.32 -5.19 12.14
N LEU A 298 -3.09 -5.71 12.09
CA LEU A 298 -2.70 -6.73 11.11
C LEU A 298 -3.18 -6.38 9.70
N THR A 299 -2.96 -5.13 9.32
CA THR A 299 -3.17 -4.56 7.98
C THR A 299 -4.63 -4.26 7.67
N TYR A 300 -5.56 -4.48 8.60
CA TYR A 300 -6.93 -4.07 8.35
C TYR A 300 -7.05 -2.55 8.38
N GLY A 301 -6.37 -1.90 9.30
CA GLY A 301 -6.39 -0.45 9.39
C GLY A 301 -7.47 0.07 10.32
N TYR A 302 -7.22 1.24 10.88
CA TYR A 302 -8.19 1.88 11.76
C TYR A 302 -7.84 3.37 11.86
N VAL A 303 -8.82 4.14 12.33
CA VAL A 303 -8.69 5.58 12.51
C VAL A 303 -8.94 5.89 13.97
N THR A 304 -8.13 6.80 14.52
CA THR A 304 -8.18 7.15 15.94
C THR A 304 -8.41 8.64 16.09
N ILE A 305 -9.15 9.02 17.13
CA ILE A 305 -9.41 10.40 17.47
C ILE A 305 -8.77 10.67 18.82
N LEU A 306 -7.90 11.68 18.86
CA LEU A 306 -7.11 11.99 20.05
C LEU A 306 -7.65 13.26 20.71
N ASN A 307 -7.77 13.22 22.03
CA ASN A 307 -8.37 14.31 22.78
C ASN A 307 -7.52 15.57 22.70
N GLY A 308 -8.17 16.71 22.83
CA GLY A 308 -7.48 17.99 22.92
C GLY A 308 -7.19 18.37 24.36
N SER A 309 -6.09 19.09 24.55
CA SER A 309 -5.45 19.39 25.82
C SER A 309 -4.71 18.17 26.35
N ASP A 310 -4.86 17.00 25.74
CA ASP A 310 -4.07 15.81 26.01
C ASP A 310 -3.69 15.24 24.66
N ILE A 311 -3.20 13.99 24.66
CA ILE A 311 -3.01 13.27 23.42
C ILE A 311 -3.64 11.90 23.58
N ARG A 312 -4.58 11.79 24.51
CA ARG A 312 -5.23 10.52 24.79
CA ARG A 312 -5.23 10.52 24.79
C ARG A 312 -6.19 10.14 23.67
N SER A 313 -6.29 8.83 23.43
CA SER A 313 -7.19 8.33 22.39
C SER A 313 -8.62 8.30 22.91
N LEU A 314 -9.56 8.68 22.05
CA LEU A 314 -10.97 8.77 22.40
C LEU A 314 -11.82 7.73 21.68
N TYR A 315 -11.62 7.55 20.38
CA TYR A 315 -12.43 6.62 19.60
C TYR A 315 -11.55 5.87 18.62
N ASN A 316 -12.01 4.68 18.25
CA ASN A 316 -11.37 3.85 17.24
C ASN A 316 -12.39 3.42 16.21
N PHE A 317 -11.96 3.32 14.95
CA PHE A 317 -12.85 2.93 13.86
C PHE A 317 -12.08 1.96 12.98
N SER A 318 -12.31 0.66 13.18
CA SER A 318 -11.54 -0.37 12.49
C SER A 318 -11.94 -0.45 11.02
N GLY A 319 -11.03 -0.99 10.21
CA GLY A 319 -11.28 -1.17 8.80
C GLY A 319 -12.17 -2.36 8.52
N GLU A 320 -12.57 -2.49 7.26
CA GLU A 320 -13.48 -3.53 6.82
CA GLU A 320 -13.49 -3.54 6.83
C GLU A 320 -12.75 -4.70 6.15
N GLN A 321 -11.98 -4.41 5.12
CA GLN A 321 -11.28 -5.42 4.33
C GLN A 321 -9.79 -5.25 4.47
N MET A 322 -9.07 -6.38 4.57
CA MET A 322 -7.63 -6.33 4.66
C MET A 322 -7.01 -5.83 3.35
N ALA A 323 -6.03 -4.95 3.48
CA ALA A 323 -5.32 -4.29 2.39
C ALA A 323 -6.16 -3.20 1.73
N SER A 324 -7.43 -3.07 2.08
CA SER A 324 -8.18 -1.86 1.73
C SER A 324 -7.56 -0.74 2.54
N TYR A 325 -6.82 0.15 1.87
CA TYR A 325 -5.87 1.00 2.56
C TYR A 325 -6.64 2.03 3.38
N PHE A 326 -7.33 1.55 4.41
CA PHE A 326 -8.28 2.34 5.19
C PHE A 326 -7.53 3.42 5.95
N GLY A 327 -7.61 4.66 5.47
CA GLY A 327 -6.93 5.77 6.12
C GLY A 327 -6.03 6.55 5.18
N TYR A 328 -6.24 6.41 3.87
CA TYR A 328 -5.52 7.25 2.93
C TYR A 328 -5.83 8.73 3.17
N ALA A 329 -7.10 9.05 3.39
CA ALA A 329 -7.52 10.42 3.69
C ALA A 329 -8.56 10.38 4.79
N VAL A 330 -8.66 11.50 5.51
CA VAL A 330 -9.66 11.66 6.57
C VAL A 330 -10.11 13.11 6.57
N ALA A 331 -11.32 13.34 7.09
CA ALA A 331 -11.87 14.68 7.19
C ALA A 331 -12.94 14.68 8.27
N ALA A 332 -13.27 15.88 8.74
CA ALA A 332 -14.29 16.06 9.78
C ALA A 332 -15.11 17.29 9.44
N THR A 333 -16.38 17.08 9.11
CA THR A 333 -17.28 18.18 8.79
C THR A 333 -18.70 17.77 9.14
N ASP A 334 -19.56 18.78 9.31
CA ASP A 334 -20.95 18.56 9.69
C ASP A 334 -21.78 18.38 8.43
N VAL A 335 -22.15 17.13 8.13
CA VAL A 335 -22.85 16.81 6.90
C VAL A 335 -24.34 16.58 7.12
N ASN A 336 -24.86 16.94 8.30
CA ASN A 336 -26.31 16.82 8.53
C ASN A 336 -26.86 18.01 9.31
N GLY A 337 -26.12 19.11 9.37
CA GLY A 337 -26.63 20.32 9.98
C GLY A 337 -27.03 20.20 11.43
N ASP A 338 -26.47 19.23 12.16
CA ASP A 338 -26.76 19.07 13.58
C ASP A 338 -25.87 19.91 14.46
N GLY A 339 -24.85 20.55 13.90
CA GLY A 339 -23.89 21.31 14.69
C GLY A 339 -22.77 20.50 15.28
N LEU A 340 -22.68 19.21 14.97
CA LEU A 340 -21.64 18.34 15.48
C LEU A 340 -20.87 17.75 14.31
N ASP A 341 -19.55 17.71 14.43
CA ASP A 341 -18.69 17.24 13.35
C ASP A 341 -18.87 15.74 13.12
N ASP A 342 -18.78 15.34 11.86
CA ASP A 342 -18.93 13.94 11.45
C ASP A 342 -17.69 13.50 10.69
N LEU A 343 -17.23 12.30 11.00
CA LEU A 343 -15.98 11.77 10.45
C LEU A 343 -16.19 11.14 9.08
N LEU A 344 -15.20 11.28 8.22
CA LEU A 344 -15.16 10.64 6.91
C LEU A 344 -13.82 9.96 6.72
N VAL A 345 -13.84 8.78 6.11
CA VAL A 345 -12.63 7.98 5.89
C VAL A 345 -12.64 7.48 4.45
N GLY A 346 -11.46 7.11 3.97
CA GLY A 346 -11.31 6.62 2.62
C GLY A 346 -10.43 5.39 2.55
N ALA A 347 -10.83 4.43 1.71
CA ALA A 347 -10.09 3.19 1.50
C ALA A 347 -9.94 2.99 -0.01
N PRO A 348 -8.99 3.67 -0.64
CA PRO A 348 -8.92 3.65 -2.11
C PRO A 348 -8.72 2.26 -2.70
N LEU A 349 -8.04 1.37 -2.00
CA LEU A 349 -7.68 0.08 -2.55
C LEU A 349 -8.71 -1.00 -2.28
N LEU A 350 -9.84 -0.67 -1.66
CA LEU A 350 -10.85 -1.67 -1.35
C LEU A 350 -11.28 -2.39 -2.63
N MET A 351 -11.38 -3.70 -2.54
CA MET A 351 -11.71 -4.56 -3.68
C MET A 351 -13.15 -5.04 -3.56
N ASP A 352 -13.94 -4.79 -4.59
CA ASP A 352 -15.33 -5.20 -4.63
C ASP A 352 -15.57 -6.00 -5.90
N ARG A 353 -16.52 -6.93 -5.83
CA ARG A 353 -16.81 -7.85 -6.92
C ARG A 353 -18.13 -7.47 -7.59
N THR A 354 -18.11 -7.38 -8.91
CA THR A 354 -19.30 -7.06 -9.67
C THR A 354 -20.31 -8.20 -9.57
N PRO A 355 -21.59 -7.93 -9.83
CA PRO A 355 -22.59 -9.02 -9.74
C PRO A 355 -22.26 -10.21 -10.63
N ASP A 356 -21.55 -10.00 -11.72
CA ASP A 356 -21.13 -11.13 -12.56
C ASP A 356 -20.25 -12.08 -11.74
N GLY A 357 -19.32 -11.54 -10.97
CA GLY A 357 -18.46 -12.35 -10.13
C GLY A 357 -17.01 -11.91 -10.17
N ARG A 358 -16.61 -11.27 -11.26
CA ARG A 358 -15.22 -10.86 -11.41
C ARG A 358 -14.87 -9.81 -10.36
N PRO A 359 -13.80 -10.00 -9.58
CA PRO A 359 -13.40 -8.95 -8.64
C PRO A 359 -12.85 -7.74 -9.36
N GLN A 360 -13.01 -6.58 -8.73
CA GLN A 360 -12.51 -5.33 -9.28
C GLN A 360 -12.08 -4.42 -8.15
N GLU A 361 -11.15 -3.52 -8.45
CA GLU A 361 -10.58 -2.60 -7.47
C GLU A 361 -11.30 -1.26 -7.60
N VAL A 362 -12.23 -1.00 -6.68
CA VAL A 362 -12.96 0.26 -6.62
C VAL A 362 -12.91 0.76 -5.19
N GLY A 363 -12.51 2.01 -5.02
CA GLY A 363 -12.34 2.56 -3.68
C GLY A 363 -13.64 2.63 -2.90
N ARG A 364 -13.56 3.09 -1.65
CA ARG A 364 -14.74 3.23 -0.82
C ARG A 364 -14.53 4.37 0.16
N VAL A 365 -15.63 4.93 0.64
CA VAL A 365 -15.61 6.00 1.63
C VAL A 365 -16.64 5.69 2.70
N TYR A 366 -16.26 5.85 3.96
CA TYR A 366 -17.13 5.57 5.10
C TYR A 366 -17.46 6.86 5.82
N VAL A 367 -18.74 7.01 6.18
CA VAL A 367 -19.24 8.20 6.85
C VAL A 367 -19.81 7.81 8.19
N TYR A 368 -19.30 8.41 9.26
CA TYR A 368 -19.80 8.22 10.62
C TYR A 368 -20.43 9.52 11.09
N LEU A 369 -21.70 9.46 11.47
CA LEU A 369 -22.41 10.64 11.96
C LEU A 369 -22.31 10.73 13.46
N GLN A 370 -22.08 11.93 13.97
CA GLN A 370 -21.97 12.15 15.40
C GLN A 370 -23.33 12.49 15.99
N HIS A 371 -23.53 12.05 17.23
CA HIS A 371 -24.76 12.23 17.98
C HIS A 371 -24.42 12.83 19.33
N PRO A 372 -25.41 13.42 20.02
CA PRO A 372 -25.11 13.99 21.35
C PRO A 372 -24.46 12.99 22.30
N ALA A 373 -24.87 11.72 22.24
CA ALA A 373 -24.24 10.71 23.08
C ALA A 373 -22.79 10.48 22.65
N GLY A 374 -22.55 10.33 21.37
CA GLY A 374 -21.22 10.10 20.86
C GLY A 374 -21.27 9.36 19.54
N ILE A 375 -20.11 9.28 18.90
CA ILE A 375 -20.02 8.62 17.59
C ILE A 375 -20.24 7.12 17.76
N GLU A 376 -20.81 6.50 16.71
CA GLU A 376 -21.04 5.06 16.71
C GLU A 376 -19.86 4.34 16.05
N PRO A 377 -19.60 3.08 16.42
CA PRO A 377 -18.45 2.38 15.84
C PRO A 377 -18.67 1.86 14.44
N THR A 378 -19.91 1.79 13.96
CA THR A 378 -20.20 1.26 12.64
C THR A 378 -20.56 2.39 11.68
N PRO A 379 -20.18 2.28 10.40
CA PRO A 379 -20.49 3.37 9.46
C PRO A 379 -22.00 3.57 9.33
N THR A 380 -22.39 4.84 9.23
CA THR A 380 -23.78 5.19 8.95
C THR A 380 -24.08 5.22 7.46
N LEU A 381 -23.06 5.18 6.61
CA LEU A 381 -23.22 5.21 5.17
C LEU A 381 -21.87 4.92 4.53
N THR A 382 -21.91 4.28 3.36
CA THR A 382 -20.70 3.97 2.61
C THR A 382 -20.90 4.33 1.15
N LEU A 383 -19.86 4.89 0.54
CA LEU A 383 -19.87 5.29 -0.87
C LEU A 383 -18.80 4.49 -1.60
N THR A 384 -19.16 3.93 -2.74
CA THR A 384 -18.27 3.04 -3.49
C THR A 384 -18.06 3.59 -4.90
N GLY A 385 -16.86 3.34 -5.43
CA GLY A 385 -16.56 3.75 -6.78
C GLY A 385 -17.21 2.87 -7.82
N HIS A 386 -17.11 3.30 -9.08
CA HIS A 386 -17.72 2.60 -10.19
C HIS A 386 -16.75 2.38 -11.35
N ASP A 387 -15.45 2.53 -11.10
CA ASP A 387 -14.44 2.36 -12.13
C ASP A 387 -13.27 1.56 -11.57
N GLU A 388 -12.73 0.67 -12.40
CA GLU A 388 -11.65 -0.21 -11.95
C GLU A 388 -10.35 0.56 -11.83
N PHE A 389 -9.61 0.28 -10.76
CA PHE A 389 -8.33 0.96 -10.49
C PHE A 389 -8.52 2.47 -10.44
N GLY A 390 -9.62 2.92 -9.86
CA GLY A 390 -9.91 4.34 -9.81
C GLY A 390 -9.41 5.02 -8.56
N ARG A 391 -9.08 4.26 -7.52
CA ARG A 391 -8.61 4.82 -6.27
C ARG A 391 -9.61 5.81 -5.69
N PHE A 392 -10.90 5.48 -5.79
CA PHE A 392 -11.93 6.34 -5.23
C PHE A 392 -11.71 6.54 -3.74
N GLY A 393 -11.91 7.78 -3.28
CA GLY A 393 -11.68 8.11 -1.89
C GLY A 393 -10.24 8.40 -1.55
N SER A 394 -9.39 8.64 -2.54
CA SER A 394 -7.99 8.96 -2.25
C SER A 394 -7.88 10.26 -1.48
N SER A 395 -8.68 11.26 -1.84
CA SER A 395 -8.64 12.57 -1.20
C SER A 395 -10.06 13.01 -0.86
N LEU A 396 -10.20 13.63 0.31
CA LEU A 396 -11.48 14.18 0.75
C LEU A 396 -11.27 15.60 1.24
N THR A 397 -12.32 16.41 1.13
CA THR A 397 -12.24 17.79 1.59
C THR A 397 -13.63 18.39 1.73
N PRO A 398 -13.96 18.98 2.87
CA PRO A 398 -15.25 19.69 2.97
C PRO A 398 -15.31 20.85 2.00
N LEU A 399 -16.50 21.10 1.47
CA LEU A 399 -16.73 22.20 0.55
C LEU A 399 -17.51 23.34 1.16
N GLY A 400 -17.94 23.22 2.41
CA GLY A 400 -18.82 24.21 2.99
C GLY A 400 -20.20 24.12 2.38
N ASP A 401 -21.01 25.13 2.70
CA ASP A 401 -22.38 25.20 2.18
C ASP A 401 -22.33 25.67 0.73
N LEU A 402 -21.78 24.80 -0.12
CA LEU A 402 -21.58 25.14 -1.53
C LEU A 402 -22.90 25.50 -2.20
N ASP A 403 -23.97 24.80 -1.85
CA ASP A 403 -25.28 25.04 -2.42
C ASP A 403 -26.09 26.07 -1.64
N GLN A 404 -25.61 26.52 -0.48
CA GLN A 404 -26.32 27.47 0.35
C GLN A 404 -27.71 26.97 0.73
N ASP A 405 -27.86 25.65 0.87
CA ASP A 405 -29.12 25.04 1.28
C ASP A 405 -29.14 24.68 2.76
N GLY A 406 -28.13 25.11 3.52
CA GLY A 406 -28.07 24.86 4.94
C GLY A 406 -27.35 23.59 5.33
N TYR A 407 -26.88 22.80 4.37
CA TYR A 407 -26.19 21.54 4.64
C TYR A 407 -24.87 21.53 3.90
N ASN A 408 -23.79 21.23 4.62
CA ASN A 408 -22.46 21.24 4.04
C ASN A 408 -22.29 20.11 3.04
N ASP A 409 -21.38 20.30 2.10
CA ASP A 409 -21.11 19.36 1.03
C ASP A 409 -19.70 18.79 1.19
N VAL A 410 -19.41 17.76 0.38
CA VAL A 410 -18.13 17.06 0.45
C VAL A 410 -17.69 16.73 -0.97
N ALA A 411 -16.38 16.82 -1.21
CA ALA A 411 -15.78 16.48 -2.49
C ALA A 411 -14.85 15.29 -2.31
N ILE A 412 -14.98 14.30 -3.20
CA ILE A 412 -14.18 13.08 -3.15
C ILE A 412 -13.52 12.89 -4.49
N GLY A 413 -12.24 12.57 -4.48
CA GLY A 413 -11.44 12.47 -5.70
C GLY A 413 -11.12 11.03 -6.06
N ALA A 414 -11.05 10.77 -7.36
CA ALA A 414 -10.66 9.47 -7.90
C ALA A 414 -9.52 9.71 -8.87
N PRO A 415 -8.27 9.63 -8.40
CA PRO A 415 -7.14 10.02 -9.26
C PRO A 415 -7.09 9.30 -10.59
N PHE A 416 -7.43 8.01 -10.62
CA PHE A 416 -7.32 7.21 -11.84
C PHE A 416 -8.70 6.79 -12.36
N GLY A 417 -9.72 7.62 -12.11
CA GLY A 417 -11.04 7.34 -12.61
C GLY A 417 -11.22 7.85 -14.03
N GLY A 418 -12.48 8.00 -14.43
CA GLY A 418 -12.80 8.52 -15.74
C GLY A 418 -12.76 7.45 -16.81
N GLU A 419 -13.13 7.86 -18.01
CA GLU A 419 -13.18 6.96 -19.15
C GLU A 419 -11.83 6.76 -19.81
N THR A 420 -10.83 7.59 -19.47
CA THR A 420 -9.49 7.44 -20.00
C THR A 420 -8.44 7.48 -18.90
N GLN A 421 -8.83 7.13 -17.66
CA GLN A 421 -7.90 7.04 -16.54
C GLN A 421 -7.15 8.36 -16.34
N GLN A 422 -7.86 9.48 -16.49
CA GLN A 422 -7.28 10.79 -16.27
C GLN A 422 -7.56 11.35 -14.88
N GLY A 423 -8.60 10.87 -14.21
CA GLY A 423 -8.94 11.33 -12.87
C GLY A 423 -10.29 12.03 -12.88
N VAL A 424 -11.05 11.83 -11.81
CA VAL A 424 -12.38 12.41 -11.67
C VAL A 424 -12.56 12.88 -10.24
N VAL A 425 -13.40 13.91 -10.08
CA VAL A 425 -13.75 14.45 -8.76
C VAL A 425 -15.26 14.47 -8.63
N PHE A 426 -15.77 13.99 -7.51
CA PHE A 426 -17.20 13.89 -7.26
C PHE A 426 -17.59 14.85 -6.14
N VAL A 427 -18.80 15.39 -6.24
CA VAL A 427 -19.38 16.27 -5.23
C VAL A 427 -20.64 15.61 -4.71
N PHE A 428 -20.71 15.39 -3.40
CA PHE A 428 -21.83 14.72 -2.77
C PHE A 428 -22.58 15.69 -1.87
N PRO A 429 -23.82 16.05 -2.16
CA PRO A 429 -24.52 17.03 -1.32
C PRO A 429 -24.87 16.46 0.04
N GLY A 430 -24.98 17.36 1.02
CA GLY A 430 -25.41 17.00 2.35
C GLY A 430 -26.92 16.96 2.45
N GLY A 431 -27.40 16.73 3.67
CA GLY A 431 -28.81 16.68 3.92
C GLY A 431 -29.13 16.25 5.34
N PRO A 432 -30.42 16.29 5.70
CA PRO A 432 -30.80 15.94 7.08
C PRO A 432 -30.39 14.53 7.48
N GLY A 433 -30.27 13.61 6.53
CA GLY A 433 -29.90 12.25 6.83
C GLY A 433 -28.44 11.94 6.52
N GLY A 434 -27.64 12.98 6.34
CA GLY A 434 -26.24 12.81 5.99
C GLY A 434 -26.00 13.00 4.50
N LEU A 435 -24.86 12.47 4.06
CA LEU A 435 -24.48 12.60 2.66
C LEU A 435 -25.47 11.89 1.76
N GLY A 436 -25.69 12.46 0.57
CA GLY A 436 -26.52 11.80 -0.42
C GLY A 436 -25.73 10.74 -1.17
N SER A 437 -26.40 9.63 -1.47
CA SER A 437 -25.74 8.50 -2.09
C SER A 437 -25.35 8.76 -3.54
N LYS A 438 -25.88 9.82 -4.16
CA LYS A 438 -25.62 10.11 -5.57
C LYS A 438 -24.89 11.44 -5.68
N PRO A 439 -23.79 11.52 -6.44
CA PRO A 439 -23.08 12.79 -6.56
C PRO A 439 -23.89 13.82 -7.31
N SER A 440 -23.87 15.05 -6.80
CA SER A 440 -24.58 16.14 -7.47
C SER A 440 -23.85 16.63 -8.71
N GLN A 441 -22.53 16.57 -8.71
CA GLN A 441 -21.74 17.03 -9.84
C GLN A 441 -20.50 16.17 -9.98
N VAL A 442 -19.99 16.09 -11.21
CA VAL A 442 -18.78 15.34 -11.53
C VAL A 442 -17.86 16.23 -12.34
N LEU A 443 -16.60 16.33 -11.92
CA LEU A 443 -15.62 17.19 -12.56
C LEU A 443 -14.54 16.33 -13.21
N GLN A 444 -14.17 16.70 -14.44
CA GLN A 444 -13.17 15.97 -15.20
C GLN A 444 -12.24 16.98 -15.87
N PRO A 445 -11.03 16.56 -16.24
CA PRO A 445 -10.12 17.47 -16.93
C PRO A 445 -10.63 17.82 -18.32
N LEU A 446 -10.25 19.01 -18.78
CA LEU A 446 -10.61 19.45 -20.12
C LEU A 446 -9.54 19.12 -21.14
N TRP A 447 -8.27 19.17 -20.76
CA TRP A 447 -7.19 18.86 -21.67
C TRP A 447 -7.20 17.39 -22.07
N ALA A 448 -6.73 17.12 -23.28
CA ALA A 448 -6.71 15.76 -23.78
C ALA A 448 -5.74 14.90 -22.99
N ALA A 449 -5.97 13.59 -23.02
CA ALA A 449 -5.13 12.66 -22.28
C ALA A 449 -3.75 12.57 -22.92
N SER A 450 -2.78 12.16 -22.11
CA SER A 450 -1.41 11.99 -22.57
C SER A 450 -0.87 10.62 -22.17
N HIS A 451 0.42 10.38 -22.40
CA HIS A 451 1.00 9.09 -22.05
C HIS A 451 1.21 8.94 -20.55
N THR A 452 1.38 10.05 -19.83
CA THR A 452 1.58 9.96 -18.39
C THR A 452 0.25 10.15 -17.66
N PRO A 453 0.02 9.47 -16.54
CA PRO A 453 -1.20 9.72 -15.77
C PRO A 453 -1.26 11.17 -15.30
N ASP A 454 -2.47 11.73 -15.29
CA ASP A 454 -2.65 13.12 -14.90
C ASP A 454 -2.86 13.29 -13.40
N PHE A 455 -3.20 12.22 -12.68
CA PHE A 455 -3.40 12.29 -11.24
C PHE A 455 -4.41 13.36 -10.86
N PHE A 456 -5.32 13.69 -11.78
CA PHE A 456 -6.33 14.70 -11.51
C PHE A 456 -7.17 14.28 -10.31
N GLY A 457 -7.37 15.20 -9.37
CA GLY A 457 -8.12 14.91 -8.18
C GLY A 457 -7.32 14.26 -7.06
N SER A 458 -6.02 14.10 -7.23
CA SER A 458 -5.21 13.51 -6.17
C SER A 458 -5.20 14.38 -4.92
N ALA A 459 -5.12 15.70 -5.10
CA ALA A 459 -5.14 16.65 -4.01
C ALA A 459 -6.28 17.62 -4.21
N LEU A 460 -7.05 17.87 -3.15
CA LEU A 460 -8.20 18.76 -3.20
C LEU A 460 -8.18 19.70 -2.01
N ARG A 461 -8.82 20.85 -2.18
CA ARG A 461 -9.00 21.80 -1.10
C ARG A 461 -10.23 22.66 -1.39
N GLY A 462 -10.92 23.07 -0.34
CA GLY A 462 -12.11 23.87 -0.50
C GLY A 462 -12.59 24.39 0.84
N GLY A 463 -13.71 25.11 0.78
CA GLY A 463 -14.30 25.70 1.96
C GLY A 463 -14.00 27.17 2.15
N ARG A 464 -13.33 27.82 1.20
CA ARG A 464 -12.99 29.23 1.29
C ARG A 464 -13.37 29.91 -0.01
N ASP A 465 -13.71 31.19 0.07
CA ASP A 465 -14.21 31.95 -1.06
C ASP A 465 -13.10 32.84 -1.61
N LEU A 466 -12.78 32.67 -2.89
CA LEU A 466 -11.74 33.48 -3.51
C LEU A 466 -12.31 34.80 -4.03
N ASP A 467 -13.29 34.72 -4.94
CA ASP A 467 -13.89 35.90 -5.53
C ASP A 467 -14.70 36.71 -4.54
N GLY A 468 -14.98 36.18 -3.34
CA GLY A 468 -15.66 36.94 -2.32
C GLY A 468 -17.13 37.14 -2.54
N ASN A 469 -17.79 36.26 -3.29
CA ASN A 469 -19.21 36.39 -3.59
C ASN A 469 -20.09 35.56 -2.66
N GLY A 470 -19.51 34.98 -1.61
CA GLY A 470 -20.27 34.20 -0.66
C GLY A 470 -20.43 32.73 -1.00
N TYR A 471 -19.93 32.29 -2.15
CA TYR A 471 -20.03 30.90 -2.57
C TYR A 471 -18.66 30.23 -2.43
N PRO A 472 -18.53 29.16 -1.65
CA PRO A 472 -17.21 28.51 -1.50
C PRO A 472 -16.60 28.12 -2.83
N ASP A 473 -15.32 27.75 -2.81
CA ASP A 473 -14.57 27.41 -4.01
C ASP A 473 -13.90 26.05 -3.81
N LEU A 474 -13.12 25.63 -4.81
CA LEU A 474 -12.45 24.34 -4.76
C LEU A 474 -11.20 24.40 -5.63
N ILE A 475 -10.10 23.85 -5.11
CA ILE A 475 -8.84 23.73 -5.83
C ILE A 475 -8.53 22.25 -5.98
N VAL A 476 -8.16 21.84 -7.18
CA VAL A 476 -7.91 20.44 -7.50
C VAL A 476 -6.50 20.32 -8.07
N GLY A 477 -5.73 19.36 -7.55
CA GLY A 477 -4.37 19.15 -8.01
C GLY A 477 -4.30 18.12 -9.12
N SER A 478 -3.44 18.39 -10.10
CA SER A 478 -3.24 17.52 -11.26
C SER A 478 -1.76 17.36 -11.54
N PHE A 479 -0.98 17.03 -10.50
CA PHE A 479 0.47 17.09 -10.62
C PHE A 479 1.03 16.15 -11.68
N GLY A 480 0.23 15.17 -12.13
CA GLY A 480 0.70 14.32 -13.21
C GLY A 480 1.12 15.10 -14.44
N VAL A 481 0.49 16.25 -14.68
CA VAL A 481 0.83 17.14 -15.78
C VAL A 481 1.26 18.52 -15.28
N ASP A 482 1.49 18.66 -13.97
CA ASP A 482 1.92 19.93 -13.38
C ASP A 482 0.90 21.04 -13.68
N LYS A 483 -0.31 20.84 -13.16
CA LYS A 483 -1.37 21.81 -13.31
C LYS A 483 -2.27 21.77 -12.09
N ALA A 484 -2.88 22.91 -11.79
CA ALA A 484 -3.88 23.01 -10.73
C ALA A 484 -5.04 23.86 -11.26
N VAL A 485 -6.26 23.43 -10.96
CA VAL A 485 -7.47 24.11 -11.44
C VAL A 485 -8.24 24.64 -10.25
N VAL A 486 -8.90 25.78 -10.44
CA VAL A 486 -9.69 26.43 -9.41
C VAL A 486 -11.12 26.51 -9.90
N TYR A 487 -12.06 26.06 -9.06
CA TYR A 487 -13.48 26.07 -9.38
C TYR A 487 -14.19 27.02 -8.43
N ARG A 488 -15.19 27.73 -8.95
CA ARG A 488 -15.92 28.72 -8.18
C ARG A 488 -17.41 28.52 -8.34
N GLY A 489 -18.15 28.67 -7.24
CA GLY A 489 -19.59 28.55 -7.26
C GLY A 489 -20.23 29.56 -8.20
N ARG A 490 -21.55 29.48 -8.36
CA ARG A 490 -22.25 30.36 -9.28
C ARG A 490 -23.51 30.95 -8.66
N GLY B 85 -36.08 -21.32 -25.91
CA GLY B 85 -34.77 -21.43 -26.55
C GLY B 85 -34.41 -22.86 -26.90
N SER B 86 -33.11 -23.11 -27.03
CA SER B 86 -32.61 -24.45 -27.36
C SER B 86 -31.09 -24.41 -27.20
N LYS B 87 -30.45 -25.54 -27.54
CA LYS B 87 -29.00 -25.64 -27.47
C LYS B 87 -28.55 -26.73 -28.42
N ASP B 88 -27.25 -26.72 -28.71
CA ASP B 88 -26.66 -27.75 -29.57
C ASP B 88 -25.16 -27.81 -29.31
N ILE B 89 -24.64 -29.00 -29.10
CA ILE B 89 -23.23 -29.21 -28.80
C ILE B 89 -22.48 -29.46 -30.11
N LYS B 90 -21.42 -28.68 -30.33
CA LYS B 90 -20.72 -28.71 -31.62
C LYS B 90 -19.58 -29.73 -31.62
N LYS B 91 -18.60 -29.55 -30.73
CA LYS B 91 -17.42 -30.40 -30.73
C LYS B 91 -17.58 -31.60 -29.79
N ASN B 92 -17.75 -31.32 -28.50
CA ASN B 92 -17.99 -32.36 -27.49
C ASN B 92 -17.02 -33.53 -27.67
N LYS B 93 -15.74 -33.24 -27.51
CA LYS B 93 -14.71 -34.26 -27.58
C LYS B 93 -14.70 -35.05 -26.27
N ASN B 94 -14.70 -36.37 -26.38
CA ASN B 94 -14.80 -37.22 -25.21
C ASN B 94 -13.62 -36.98 -24.28
N VAL B 95 -13.91 -36.82 -22.98
CA VAL B 95 -12.85 -36.62 -22.00
C VAL B 95 -11.98 -37.87 -21.92
N THR B 96 -10.69 -37.66 -21.64
CA THR B 96 -9.77 -38.78 -21.55
C THR B 96 -10.22 -39.74 -20.46
N ASN B 97 -10.22 -41.04 -20.79
CA ASN B 97 -10.71 -42.07 -19.87
C ASN B 97 -9.59 -42.46 -18.91
N ARG B 98 -9.79 -43.54 -18.17
CA ARG B 98 -8.79 -44.02 -17.24
C ARG B 98 -7.56 -44.51 -18.00
N SER B 99 -6.42 -44.50 -17.30
CA SER B 99 -5.16 -44.92 -17.89
C SER B 99 -5.26 -46.31 -18.49
N LEU B 106 0.63 -38.36 -21.97
CA LEU B 106 0.84 -38.21 -23.41
C LEU B 106 1.40 -36.83 -23.75
N LYS B 107 0.52 -35.83 -23.71
CA LYS B 107 0.87 -34.45 -23.97
C LYS B 107 -0.06 -33.56 -23.15
N PRO B 108 0.42 -32.46 -22.59
CA PRO B 108 -0.46 -31.60 -21.80
C PRO B 108 -1.64 -31.07 -22.58
N GLU B 109 -1.46 -30.78 -23.88
CA GLU B 109 -2.55 -30.26 -24.68
C GLU B 109 -3.46 -31.36 -25.24
N ASP B 110 -3.00 -32.61 -25.24
CA ASP B 110 -3.82 -33.72 -25.71
C ASP B 110 -4.67 -34.34 -24.61
N ILE B 111 -4.51 -33.88 -23.37
CA ILE B 111 -5.30 -34.37 -22.25
C ILE B 111 -6.53 -33.49 -22.10
N THR B 112 -7.70 -34.10 -22.06
CA THR B 112 -8.97 -33.39 -21.95
C THR B 112 -9.55 -33.59 -20.56
N GLN B 113 -10.10 -32.51 -20.00
CA GLN B 113 -10.69 -32.54 -18.67
C GLN B 113 -12.05 -31.87 -18.61
N ILE B 114 -12.59 -31.39 -19.73
CA ILE B 114 -13.95 -30.86 -19.81
C ILE B 114 -14.62 -31.55 -20.98
N GLN B 115 -15.77 -32.18 -20.73
CA GLN B 115 -16.38 -33.04 -21.74
C GLN B 115 -16.87 -32.21 -22.93
N PRO B 116 -17.86 -31.32 -22.76
CA PRO B 116 -18.24 -30.47 -23.89
C PRO B 116 -17.24 -29.34 -24.08
N GLN B 117 -17.02 -28.96 -25.33
CA GLN B 117 -16.08 -27.91 -25.68
C GLN B 117 -16.77 -26.67 -26.23
N GLN B 118 -17.59 -26.82 -27.27
CA GLN B 118 -18.22 -25.68 -27.92
C GLN B 118 -19.69 -25.99 -28.18
N LEU B 119 -20.56 -25.04 -27.87
CA LEU B 119 -21.98 -25.21 -28.07
C LEU B 119 -22.63 -23.85 -28.23
N VAL B 120 -23.84 -23.85 -28.79
CA VAL B 120 -24.57 -22.63 -29.10
C VAL B 120 -25.87 -22.63 -28.30
N LEU B 121 -26.13 -21.54 -27.60
CA LEU B 121 -27.35 -21.36 -26.83
C LEU B 121 -28.21 -20.30 -27.51
N ARG B 122 -29.44 -20.68 -27.85
CA ARG B 122 -30.39 -19.76 -28.51
C ARG B 122 -31.35 -19.26 -27.44
N LEU B 123 -30.94 -18.20 -26.74
CA LEU B 123 -31.75 -17.66 -25.67
C LEU B 123 -33.06 -17.10 -26.22
N ARG B 124 -34.09 -17.13 -25.38
CA ARG B 124 -35.43 -16.66 -25.74
C ARG B 124 -35.91 -15.62 -24.73
N SER B 125 -35.02 -14.68 -24.40
CA SER B 125 -35.35 -13.62 -23.46
C SER B 125 -35.57 -14.17 -22.05
N GLY B 126 -36.80 -14.07 -21.53
CA GLY B 126 -37.04 -14.48 -20.17
C GLY B 126 -36.67 -15.93 -19.92
N GLU B 127 -36.97 -16.81 -20.86
CA GLU B 127 -36.67 -18.23 -20.70
C GLU B 127 -35.17 -18.45 -20.78
N PRO B 128 -34.53 -19.02 -19.75
CA PRO B 128 -33.09 -19.30 -19.84
C PRO B 128 -32.80 -20.66 -20.46
N GLN B 129 -31.52 -20.97 -20.66
CA GLN B 129 -31.10 -22.25 -21.19
C GLN B 129 -30.01 -22.83 -20.29
N THR B 130 -29.94 -24.16 -20.24
CA THR B 130 -29.02 -24.84 -19.35
C THR B 130 -28.36 -26.00 -20.08
N PHE B 131 -27.15 -26.34 -19.62
CA PHE B 131 -26.42 -27.49 -20.13
C PHE B 131 -25.46 -27.97 -19.05
N THR B 132 -24.97 -29.19 -19.23
CA THR B 132 -24.10 -29.84 -18.26
C THR B 132 -22.77 -30.21 -18.90
N LEU B 133 -21.70 -30.10 -18.11
CA LEU B 133 -20.35 -30.43 -18.55
C LEU B 133 -19.67 -31.28 -17.50
N LYS B 134 -18.98 -32.32 -17.96
CA LYS B 134 -18.32 -33.28 -17.07
C LYS B 134 -16.85 -32.93 -16.92
N PHE B 135 -16.36 -32.96 -15.68
CA PHE B 135 -14.96 -32.73 -15.38
C PHE B 135 -14.35 -34.01 -14.81
N LYS B 136 -13.16 -34.35 -15.29
CA LYS B 136 -12.46 -35.55 -14.82
C LYS B 136 -10.99 -35.22 -14.67
N ARG B 137 -10.50 -35.27 -13.43
CA ARG B 137 -9.11 -34.97 -13.16
C ARG B 137 -8.19 -35.94 -13.88
N ALA B 138 -7.15 -35.40 -14.52
CA ALA B 138 -6.23 -36.23 -15.28
C ALA B 138 -5.34 -37.03 -14.34
N GLU B 139 -4.88 -38.19 -14.83
CA GLU B 139 -4.09 -39.10 -14.02
C GLU B 139 -2.79 -38.44 -13.57
N ASP B 140 -1.91 -38.13 -14.52
CA ASP B 140 -0.66 -37.43 -14.24
C ASP B 140 -0.55 -36.26 -15.19
N TYR B 141 -0.31 -35.07 -14.64
CA TYR B 141 -0.24 -33.86 -15.44
C TYR B 141 1.07 -33.14 -15.12
N PRO B 142 1.78 -32.65 -16.14
CA PRO B 142 3.06 -31.97 -15.88
C PRO B 142 2.95 -30.89 -14.82
N ILE B 143 4.08 -30.53 -14.21
CA ILE B 143 4.12 -29.52 -13.16
C ILE B 143 5.30 -28.59 -13.43
N ASP B 144 5.11 -27.31 -13.12
CA ASP B 144 6.16 -26.30 -13.21
C ASP B 144 6.17 -25.53 -11.89
N LEU B 145 7.20 -25.75 -11.09
CA LEU B 145 7.34 -25.10 -9.80
C LEU B 145 8.39 -24.01 -9.88
N TYR B 146 8.08 -22.83 -9.35
CA TYR B 146 9.01 -21.71 -9.28
C TYR B 146 9.13 -21.30 -7.82
N TYR B 147 10.33 -21.46 -7.26
CA TYR B 147 10.58 -21.16 -5.87
C TYR B 147 11.04 -19.71 -5.74
N LEU B 148 10.25 -18.90 -5.04
CA LEU B 148 10.56 -17.50 -4.79
C LEU B 148 10.80 -17.32 -3.31
N MET B 149 12.03 -17.00 -2.94
CA MET B 149 12.46 -16.98 -1.55
C MET B 149 12.86 -15.56 -1.15
N ASP B 150 12.68 -15.26 0.14
CA ASP B 150 13.04 -13.96 0.70
C ASP B 150 14.45 -14.03 1.26
N LEU B 151 15.33 -13.14 0.78
CA LEU B 151 16.74 -13.14 1.16
C LEU B 151 17.13 -11.92 1.99
N SER B 152 16.21 -11.40 2.80
CA SER B 152 16.57 -10.36 3.75
C SER B 152 17.50 -10.93 4.81
N TYR B 153 17.94 -10.08 5.74
CA TYR B 153 18.78 -10.59 6.82
C TYR B 153 18.03 -11.62 7.64
N SER B 154 16.77 -11.36 7.96
CA SER B 154 15.89 -12.44 8.37
C SER B 154 15.77 -13.42 7.21
N MET B 155 15.53 -14.69 7.54
CA MET B 155 15.62 -15.83 6.64
C MET B 155 17.08 -16.23 6.46
N LYS B 156 17.98 -15.74 7.31
CA LYS B 156 19.40 -16.08 7.18
C LYS B 156 19.61 -17.58 7.37
N ASP B 157 19.02 -18.16 8.41
CA ASP B 157 19.19 -19.58 8.67
C ASP B 157 18.51 -20.43 7.61
N ASP B 158 17.37 -19.95 7.08
CA ASP B 158 16.65 -20.72 6.08
C ASP B 158 17.50 -20.97 4.84
N LEU B 159 18.22 -19.94 4.36
CA LEU B 159 19.05 -20.10 3.18
C LEU B 159 20.14 -21.15 3.39
N GLU B 160 20.49 -21.46 4.64
CA GLU B 160 21.50 -22.47 4.92
C GLU B 160 20.95 -23.89 4.86
N ASN B 161 19.63 -24.06 4.86
CA ASN B 161 19.01 -25.38 4.82
C ASN B 161 18.21 -25.61 3.54
N VAL B 162 18.52 -24.86 2.48
CA VAL B 162 17.87 -25.01 1.18
C VAL B 162 18.85 -25.45 0.11
N LYS B 163 20.11 -25.68 0.45
CA LYS B 163 21.11 -26.04 -0.56
C LYS B 163 20.88 -27.42 -1.16
N SER B 164 19.99 -28.23 -0.58
CA SER B 164 19.68 -29.56 -1.09
C SER B 164 18.26 -29.67 -1.59
N LEU B 165 17.52 -28.57 -1.68
CA LEU B 165 16.12 -28.62 -2.08
C LEU B 165 15.96 -29.10 -3.51
N GLY B 166 16.89 -28.71 -4.39
CA GLY B 166 16.70 -28.97 -5.81
C GLY B 166 16.52 -30.44 -6.12
N THR B 167 17.36 -31.30 -5.55
CA THR B 167 17.27 -32.73 -5.84
C THR B 167 16.24 -33.40 -4.94
N ASP B 168 16.12 -32.97 -3.69
CA ASP B 168 15.18 -33.60 -2.77
C ASP B 168 13.74 -33.42 -3.26
N LEU B 169 13.39 -32.21 -3.70
CA LEU B 169 12.02 -31.97 -4.16
C LEU B 169 11.72 -32.79 -5.41
N MET B 170 12.68 -32.89 -6.33
CA MET B 170 12.46 -33.70 -7.52
C MET B 170 12.30 -35.17 -7.16
N ASN B 171 13.11 -35.67 -6.23
CA ASN B 171 12.98 -37.05 -5.81
C ASN B 171 11.63 -37.32 -5.17
N GLU B 172 11.15 -36.38 -4.35
CA GLU B 172 9.86 -36.55 -3.69
C GLU B 172 8.69 -36.22 -4.60
N MET B 173 8.95 -35.66 -5.79
CA MET B 173 7.88 -35.27 -6.71
C MET B 173 7.68 -36.25 -7.85
N ARG B 174 8.66 -37.11 -8.14
CA ARG B 174 8.50 -38.08 -9.22
C ARG B 174 7.33 -39.02 -8.95
N ARG B 175 6.97 -39.22 -7.69
CA ARG B 175 5.85 -40.08 -7.37
C ARG B 175 4.52 -39.51 -7.84
N ILE B 176 4.48 -38.21 -8.15
CA ILE B 176 3.24 -37.53 -8.52
C ILE B 176 3.14 -37.34 -10.03
N THR B 177 4.22 -36.88 -10.67
CA THR B 177 4.23 -36.65 -12.10
C THR B 177 5.52 -37.17 -12.71
N SER B 178 5.44 -37.54 -13.98
CA SER B 178 6.61 -37.97 -14.73
C SER B 178 7.36 -36.81 -15.37
N ASP B 179 6.79 -35.62 -15.39
CA ASP B 179 7.43 -34.42 -15.91
C ASP B 179 7.42 -33.35 -14.84
N PHE B 180 8.57 -32.74 -14.59
CA PHE B 180 8.71 -31.76 -13.53
C PHE B 180 9.84 -30.81 -13.88
N ARG B 181 9.65 -29.54 -13.55
CA ARG B 181 10.66 -28.50 -13.77
C ARG B 181 10.64 -27.54 -12.61
N ILE B 182 11.81 -27.06 -12.21
CA ILE B 182 11.96 -26.22 -11.03
C ILE B 182 12.75 -24.98 -11.38
N GLY B 183 12.50 -23.91 -10.63
CA GLY B 183 13.20 -22.65 -10.81
C GLY B 183 13.33 -21.93 -9.49
N PHE B 184 14.20 -20.93 -9.47
CA PHE B 184 14.50 -20.20 -8.25
C PHE B 184 14.47 -18.70 -8.51
N GLY B 185 14.18 -17.94 -7.46
CA GLY B 185 14.16 -16.49 -7.54
C GLY B 185 14.19 -15.89 -6.16
N SER B 186 14.80 -14.71 -6.05
CA SER B 186 14.98 -14.06 -4.77
C SER B 186 14.53 -12.60 -4.85
N PHE B 187 14.08 -12.08 -3.71
CA PHE B 187 13.63 -10.70 -3.60
C PHE B 187 14.00 -10.18 -2.23
N VAL B 188 14.31 -8.89 -2.14
CA VAL B 188 14.63 -8.29 -0.84
C VAL B 188 13.72 -7.09 -0.57
N GLU B 189 13.84 -6.04 -1.37
CA GLU B 189 13.13 -4.80 -1.09
C GLU B 189 13.40 -3.80 -2.21
N LYS B 190 12.51 -2.81 -2.32
CA LYS B 190 12.78 -1.64 -3.15
C LYS B 190 14.02 -0.92 -2.64
N THR B 191 14.83 -0.43 -3.59
CA THR B 191 16.10 0.22 -3.25
C THR B 191 15.90 1.73 -3.26
N VAL B 192 15.28 2.24 -2.19
CA VAL B 192 15.03 3.65 -2.00
C VAL B 192 15.30 4.00 -0.53
N MET B 193 15.18 5.29 -0.20
CA MET B 193 15.69 5.78 1.07
C MET B 193 14.98 5.18 2.28
N PRO B 194 13.67 5.40 2.46
CA PRO B 194 13.06 5.03 3.75
C PRO B 194 13.18 3.56 4.10
N TYR B 195 13.31 2.68 3.10
CA TYR B 195 13.33 1.24 3.36
C TYR B 195 14.73 0.69 3.59
N ILE B 196 15.75 1.27 2.96
CA ILE B 196 17.12 0.81 3.10
C ILE B 196 18.02 1.98 3.43
N SER B 197 18.93 1.78 4.38
CA SER B 197 19.90 2.80 4.72
C SER B 197 20.73 3.14 3.49
N THR B 198 20.92 4.44 3.24
CA THR B 198 21.57 4.91 2.03
C THR B 198 23.04 5.27 2.23
N THR B 199 23.57 5.16 3.45
CA THR B 199 24.98 5.43 3.65
C THR B 199 25.82 4.40 2.91
N PRO B 200 26.95 4.79 2.32
CA PRO B 200 27.75 3.81 1.57
C PRO B 200 28.14 2.59 2.38
N ALA B 201 28.48 2.79 3.66
CA ALA B 201 28.84 1.66 4.51
C ALA B 201 27.67 0.69 4.62
N LYS B 202 26.46 1.19 4.82
CA LYS B 202 25.28 0.35 4.83
C LYS B 202 24.75 0.05 3.43
N LEU B 203 25.20 0.79 2.41
CA LEU B 203 24.80 0.49 1.05
C LEU B 203 25.56 -0.68 0.47
N ARG B 204 26.76 -0.97 0.96
CA ARG B 204 27.54 -2.13 0.54
C ARG B 204 27.33 -3.33 1.45
N ASN B 205 27.21 -3.11 2.75
CA ASN B 205 27.06 -4.19 3.74
C ASN B 205 25.88 -3.82 4.64
N PRO B 206 24.65 -4.08 4.18
CA PRO B 206 23.48 -3.64 4.97
C PRO B 206 23.48 -4.18 6.39
N CYS B 207 23.95 -5.40 6.61
CA CYS B 207 23.99 -5.98 7.94
C CYS B 207 25.19 -5.40 8.70
N THR B 208 25.45 -5.93 9.89
CA THR B 208 26.56 -5.47 10.71
C THR B 208 27.89 -5.91 10.09
N SER B 209 28.98 -5.33 10.59
CA SER B 209 30.30 -5.65 10.07
C SER B 209 30.64 -7.12 10.30
N GLU B 210 30.13 -7.72 11.37
CA GLU B 210 30.42 -9.12 11.64
C GLU B 210 29.91 -10.02 10.52
N GLN B 211 28.70 -9.76 10.03
CA GLN B 211 28.12 -10.53 8.95
C GLN B 211 28.46 -9.89 7.62
N ASN B 212 28.82 -10.73 6.65
CA ASN B 212 29.21 -10.27 5.32
C ASN B 212 28.03 -10.45 4.37
N CYS B 213 27.15 -9.45 4.38
CA CYS B 213 25.95 -9.47 3.54
C CYS B 213 26.25 -8.83 2.19
N THR B 214 25.26 -8.84 1.31
CA THR B 214 25.35 -8.23 -0.01
C THR B 214 24.39 -7.05 -0.09
N SER B 215 24.61 -6.20 -1.09
CA SER B 215 23.79 -5.02 -1.24
C SER B 215 22.35 -5.42 -1.57
N PRO B 216 21.37 -4.60 -1.18
CA PRO B 216 19.97 -4.97 -1.43
C PRO B 216 19.63 -4.91 -2.91
N PHE B 217 18.58 -5.66 -3.26
CA PHE B 217 18.09 -5.69 -4.63
C PHE B 217 16.59 -5.92 -4.60
N SER B 218 15.92 -5.58 -5.71
CA SER B 218 14.46 -5.68 -5.76
C SER B 218 14.01 -7.10 -6.06
N TYR B 219 14.56 -7.71 -7.10
CA TYR B 219 14.18 -9.07 -7.49
C TYR B 219 15.19 -9.59 -8.49
N LYS B 220 15.60 -10.85 -8.31
CA LYS B 220 16.58 -11.48 -9.19
C LYS B 220 16.08 -12.85 -9.58
N ASN B 221 16.16 -13.17 -10.86
CA ASN B 221 15.73 -14.46 -11.39
C ASN B 221 16.97 -15.36 -11.49
N VAL B 222 17.24 -16.08 -10.40
CA VAL B 222 18.48 -16.86 -10.32
C VAL B 222 18.50 -17.93 -11.40
N LEU B 223 17.41 -18.67 -11.54
CA LEU B 223 17.38 -19.82 -12.44
C LEU B 223 16.00 -19.93 -13.07
N SER B 224 15.95 -19.85 -14.40
CA SER B 224 14.70 -20.10 -15.10
C SER B 224 14.34 -21.58 -15.00
N LEU B 225 13.06 -21.88 -15.26
CA LEU B 225 12.57 -23.24 -15.07
C LEU B 225 13.41 -24.23 -15.86
N THR B 226 13.82 -25.30 -15.18
CA THR B 226 14.66 -26.32 -15.78
C THR B 226 14.34 -27.66 -15.12
N ASN B 227 14.69 -28.74 -15.82
CA ASN B 227 14.37 -30.09 -15.37
C ASN B 227 15.56 -30.78 -14.71
N LYS B 228 16.64 -30.05 -14.43
CA LYS B 228 17.82 -30.59 -13.77
C LYS B 228 17.93 -30.01 -12.38
N GLY B 229 17.98 -30.88 -11.36
CA GLY B 229 18.12 -30.42 -10.00
C GLY B 229 19.54 -30.09 -9.59
N GLU B 230 20.52 -30.66 -10.28
CA GLU B 230 21.91 -30.35 -9.96
C GLU B 230 22.21 -28.88 -10.17
N VAL B 231 21.72 -28.30 -11.27
CA VAL B 231 21.92 -26.87 -11.52
C VAL B 231 21.24 -26.04 -10.44
N PHE B 232 20.02 -26.44 -10.05
CA PHE B 232 19.33 -25.74 -8.97
C PHE B 232 20.17 -25.73 -7.71
N ASN B 233 20.69 -26.90 -7.32
CA ASN B 233 21.50 -26.98 -6.11
C ASN B 233 22.75 -26.11 -6.23
N GLU B 234 23.43 -26.19 -7.38
CA GLU B 234 24.67 -25.45 -7.56
C GLU B 234 24.43 -23.94 -7.47
N LEU B 235 23.37 -23.45 -8.13
CA LEU B 235 23.10 -22.02 -8.10
C LEU B 235 22.66 -21.56 -6.71
N VAL B 236 21.71 -22.28 -6.11
CA VAL B 236 21.20 -21.86 -4.80
C VAL B 236 22.28 -21.98 -3.73
N GLY B 237 23.29 -22.82 -3.94
CA GLY B 237 24.33 -22.96 -2.93
C GLY B 237 25.15 -21.71 -2.74
N LYS B 238 25.39 -20.94 -3.81
CA LYS B 238 26.28 -19.80 -3.76
C LYS B 238 25.56 -18.47 -3.55
N GLN B 239 24.25 -18.49 -3.33
CA GLN B 239 23.53 -17.25 -3.07
C GLN B 239 23.94 -16.68 -1.72
N ARG B 240 23.94 -15.35 -1.63
CA ARG B 240 24.35 -14.64 -0.44
C ARG B 240 23.16 -13.89 0.15
N ILE B 241 23.03 -13.94 1.48
CA ILE B 241 21.96 -13.24 2.14
C ILE B 241 22.14 -11.73 1.97
N SER B 242 21.05 -10.99 2.17
CA SER B 242 21.04 -9.54 2.07
C SER B 242 20.53 -8.96 3.39
N GLY B 243 20.48 -7.64 3.46
CA GLY B 243 19.98 -6.98 4.65
C GLY B 243 19.08 -5.82 4.26
N ASN B 244 18.30 -5.37 5.24
CA ASN B 244 17.30 -4.33 4.99
C ASN B 244 17.08 -3.58 6.31
N LEU B 245 16.05 -2.75 6.37
CA LEU B 245 15.75 -1.94 7.54
C LEU B 245 14.43 -2.29 8.20
N ASP B 246 13.34 -2.38 7.44
CA ASP B 246 12.01 -2.58 8.00
C ASP B 246 11.60 -4.04 7.93
N SER B 247 10.80 -4.46 8.91
CA SER B 247 10.41 -5.86 8.99
C SER B 247 9.67 -6.35 7.75
N PRO B 248 8.61 -5.68 7.29
CA PRO B 248 7.95 -6.14 6.06
C PRO B 248 8.88 -6.04 4.86
N GLU B 249 8.72 -6.98 3.93
CA GLU B 249 9.55 -7.07 2.75
C GLU B 249 8.71 -6.85 1.50
N GLY B 250 9.32 -6.24 0.50
CA GLY B 250 8.62 -5.94 -0.75
C GLY B 250 8.68 -7.06 -1.75
N GLY B 251 7.94 -8.14 -1.51
CA GLY B 251 7.96 -9.29 -2.39
C GLY B 251 6.82 -9.29 -3.39
N PHE B 252 5.84 -8.41 -3.21
CA PHE B 252 4.68 -8.40 -4.10
C PHE B 252 5.09 -8.04 -5.52
N ASP B 253 5.96 -7.05 -5.68
CA ASP B 253 6.46 -6.72 -7.01
C ASP B 253 7.22 -7.88 -7.62
N ALA B 254 7.91 -8.66 -6.79
CA ALA B 254 8.56 -9.87 -7.30
C ALA B 254 7.52 -10.85 -7.83
N ILE B 255 6.40 -11.00 -7.12
CA ILE B 255 5.34 -11.89 -7.60
C ILE B 255 4.81 -11.39 -8.92
N MET B 256 4.60 -10.07 -9.05
CA MET B 256 4.11 -9.52 -10.31
C MET B 256 5.07 -9.81 -11.45
N GLN B 257 6.36 -9.59 -11.20
CA GLN B 257 7.34 -9.82 -12.26
C GLN B 257 7.42 -11.29 -12.63
N VAL B 258 7.27 -12.18 -11.65
CA VAL B 258 7.26 -13.61 -11.93
C VAL B 258 6.05 -13.97 -12.79
N ALA B 259 4.89 -13.41 -12.46
CA ALA B 259 3.67 -13.80 -13.15
C ALA B 259 3.61 -13.25 -14.56
N VAL B 260 4.03 -12.01 -14.76
CA VAL B 260 3.83 -11.36 -16.05
C VAL B 260 4.96 -11.59 -17.05
N CYS B 261 6.15 -12.00 -16.58
CA CYS B 261 7.30 -12.08 -17.48
C CYS B 261 7.20 -13.28 -18.42
N GLY B 262 6.51 -14.35 -18.03
CA GLY B 262 6.24 -15.44 -18.94
C GLY B 262 7.48 -16.11 -19.51
N SER B 263 7.75 -15.87 -20.80
CA SER B 263 8.79 -16.61 -21.50
C SER B 263 10.13 -16.52 -20.78
N LEU B 264 10.43 -15.36 -20.17
CA LEU B 264 11.68 -15.22 -19.45
C LEU B 264 11.75 -16.21 -18.29
N ILE B 265 10.64 -16.37 -17.56
CA ILE B 265 10.58 -17.37 -16.49
C ILE B 265 10.41 -18.78 -17.02
N GLY B 266 10.04 -18.93 -18.29
CA GLY B 266 9.91 -20.25 -18.88
C GLY B 266 8.62 -20.96 -18.58
N TRP B 267 7.56 -20.24 -18.22
CA TRP B 267 6.29 -20.86 -17.89
C TRP B 267 5.78 -21.67 -19.08
N ARG B 268 5.16 -22.82 -18.78
CA ARG B 268 4.55 -23.68 -19.77
C ARG B 268 3.03 -23.69 -19.58
N ASN B 269 2.35 -24.36 -20.50
CA ASN B 269 0.89 -24.48 -20.44
C ASN B 269 0.51 -25.75 -19.67
N VAL B 270 1.00 -25.81 -18.44
CA VAL B 270 0.75 -26.90 -17.51
C VAL B 270 0.44 -26.30 -16.14
N THR B 271 0.26 -27.16 -15.15
CA THR B 271 0.03 -26.68 -13.79
C THR B 271 1.20 -25.83 -13.34
N ARG B 272 0.95 -24.55 -13.11
CA ARG B 272 1.97 -23.60 -12.68
C ARG B 272 1.84 -23.38 -11.18
N LEU B 273 2.90 -23.71 -10.44
CA LEU B 273 2.94 -23.54 -9.00
C LEU B 273 3.99 -22.51 -8.63
N LEU B 274 3.64 -21.63 -7.68
CA LEU B 274 4.54 -20.60 -7.18
C LEU B 274 4.63 -20.74 -5.67
N VAL B 275 5.84 -20.87 -5.16
CA VAL B 275 6.09 -20.98 -3.72
C VAL B 275 6.66 -19.65 -3.25
N PHE B 276 6.01 -19.06 -2.25
CA PHE B 276 6.38 -17.73 -1.74
C PHE B 276 6.82 -17.92 -0.28
N SER B 277 8.12 -18.00 -0.06
CA SER B 277 8.68 -18.26 1.25
C SER B 277 9.12 -16.94 1.89
N THR B 278 8.60 -16.65 3.08
CA THR B 278 8.95 -15.44 3.80
C THR B 278 8.57 -15.62 5.26
N ASP B 279 9.04 -14.70 6.10
CA ASP B 279 8.74 -14.72 7.53
C ASP B 279 8.43 -13.32 8.02
N ALA B 280 7.69 -12.56 7.23
CA ALA B 280 7.33 -11.19 7.61
C ALA B 280 6.16 -10.75 6.74
N GLY B 281 5.64 -9.57 7.06
CA GLY B 281 4.51 -9.02 6.32
C GLY B 281 4.88 -8.71 4.88
N PHE B 282 4.05 -7.92 4.21
CA PHE B 282 4.27 -7.60 2.81
C PHE B 282 3.94 -6.14 2.57
N HIS B 283 4.55 -5.59 1.52
CA HIS B 283 4.29 -4.22 1.08
C HIS B 283 3.31 -4.24 -0.09
N PHE B 284 2.27 -3.43 -0.01
CA PHE B 284 1.28 -3.30 -1.06
C PHE B 284 1.17 -1.84 -1.48
N ALA B 285 0.31 -1.58 -2.45
CA ALA B 285 0.18 -0.23 -2.99
C ALA B 285 -0.16 0.75 -1.88
N GLY B 286 0.44 1.94 -1.96
CA GLY B 286 0.25 2.99 -0.99
C GLY B 286 1.42 3.18 -0.05
N ASP B 287 2.22 2.14 0.17
CA ASP B 287 3.41 2.27 0.98
C ASP B 287 4.60 2.87 0.23
N GLY B 288 4.52 2.96 -1.09
CA GLY B 288 5.56 3.62 -1.86
C GLY B 288 5.53 5.13 -1.75
N LYS B 289 4.47 5.70 -1.20
CA LYS B 289 4.41 7.15 -1.03
C LYS B 289 5.45 7.63 0.00
N LEU B 290 5.78 6.80 0.98
CA LEU B 290 6.82 7.17 1.93
C LEU B 290 8.18 7.32 1.27
N GLY B 291 8.38 6.71 0.11
CA GLY B 291 9.61 6.82 -0.65
C GLY B 291 9.52 7.75 -1.84
N GLY B 292 8.44 8.53 -1.97
CA GLY B 292 8.29 9.39 -3.11
C GLY B 292 7.89 8.69 -4.39
N ILE B 293 7.29 7.51 -4.29
CA ILE B 293 6.84 6.73 -5.44
C ILE B 293 5.32 6.78 -5.47
N VAL B 294 4.77 7.26 -6.58
CA VAL B 294 3.32 7.42 -6.71
C VAL B 294 2.74 6.71 -7.93
N LEU B 295 3.53 6.40 -8.94
CA LEU B 295 3.00 5.74 -10.12
C LEU B 295 2.51 4.34 -9.74
N PRO B 296 1.26 3.98 -10.05
CA PRO B 296 0.82 2.61 -9.77
C PRO B 296 1.56 1.60 -10.62
N ASN B 297 1.71 0.40 -10.08
CA ASN B 297 2.35 -0.68 -10.82
C ASN B 297 1.58 -0.95 -12.11
N ASP B 298 2.30 -1.02 -13.22
CA ASP B 298 1.69 -1.21 -14.53
C ASP B 298 1.58 -2.66 -14.94
N GLY B 299 2.11 -3.59 -14.15
CA GLY B 299 2.04 -5.00 -14.49
C GLY B 299 2.68 -5.32 -15.81
N GLN B 300 4.00 -5.12 -15.90
CA GLN B 300 4.75 -5.43 -17.10
C GLN B 300 6.08 -6.05 -16.70
N CYS B 301 6.69 -6.77 -17.65
CA CYS B 301 7.97 -7.40 -17.42
C CYS B 301 9.07 -6.36 -17.59
N HIS B 302 9.72 -5.99 -16.49
CA HIS B 302 10.79 -5.00 -16.48
C HIS B 302 12.10 -5.64 -16.05
N LEU B 303 12.38 -6.83 -16.58
CA LEU B 303 13.58 -7.57 -16.25
C LEU B 303 14.65 -7.31 -17.29
N GLU B 304 15.80 -6.82 -16.84
CA GLU B 304 16.97 -6.62 -17.69
C GLU B 304 18.14 -7.35 -17.06
N ASN B 305 18.69 -8.32 -17.78
CA ASN B 305 19.77 -9.17 -17.27
C ASN B 305 19.28 -9.82 -15.96
N ASN B 306 18.16 -10.54 -16.06
CA ASN B 306 17.59 -11.30 -14.96
C ASN B 306 17.43 -10.47 -13.68
N MET B 307 17.46 -9.15 -13.79
CA MET B 307 17.31 -8.26 -12.65
C MET B 307 16.14 -7.31 -12.90
N TYR B 308 15.36 -7.05 -11.85
CA TYR B 308 14.17 -6.22 -11.96
C TYR B 308 14.57 -4.77 -11.72
N THR B 309 14.71 -4.01 -12.80
CA THR B 309 14.91 -2.57 -12.70
C THR B 309 13.56 -1.92 -12.41
N MET B 310 13.52 -0.59 -12.43
CA MET B 310 12.28 0.19 -12.24
C MET B 310 11.67 -0.02 -10.86
N SER B 311 12.35 -0.68 -9.94
CA SER B 311 11.81 -0.85 -8.60
C SER B 311 11.63 0.48 -7.88
N HIS B 312 12.38 1.50 -8.29
CA HIS B 312 12.25 2.84 -7.74
C HIS B 312 11.18 3.66 -8.43
N TYR B 313 10.65 3.20 -9.57
CA TYR B 313 9.74 3.96 -10.40
C TYR B 313 8.27 3.67 -10.12
N TYR B 314 7.90 2.41 -9.97
CA TYR B 314 6.52 2.00 -9.80
C TYR B 314 6.25 1.59 -8.37
N ASP B 315 5.07 1.94 -7.88
CA ASP B 315 4.67 1.62 -6.52
C ASP B 315 4.40 0.12 -6.39
N TYR B 316 4.26 -0.33 -5.15
CA TYR B 316 3.93 -1.72 -4.89
C TYR B 316 2.57 -2.05 -5.49
N PRO B 317 2.36 -3.29 -5.94
CA PRO B 317 1.07 -3.64 -6.54
C PRO B 317 0.03 -3.98 -5.48
N SER B 318 -1.18 -3.50 -5.70
CA SER B 318 -2.29 -3.81 -4.80
C SER B 318 -2.70 -5.27 -4.95
N ILE B 319 -3.38 -5.77 -3.91
CA ILE B 319 -3.80 -7.18 -3.94
C ILE B 319 -4.77 -7.43 -5.08
N ALA B 320 -5.60 -6.44 -5.43
CA ALA B 320 -6.51 -6.62 -6.55
C ALA B 320 -5.74 -6.85 -7.84
N HIS B 321 -4.70 -6.05 -8.08
CA HIS B 321 -3.89 -6.23 -9.28
C HIS B 321 -3.21 -7.59 -9.29
N LEU B 322 -2.67 -8.01 -8.14
CA LEU B 322 -2.03 -9.32 -8.07
C LEU B 322 -3.03 -10.44 -8.36
N VAL B 323 -4.23 -10.34 -7.79
CA VAL B 323 -5.25 -11.36 -8.04
C VAL B 323 -5.59 -11.39 -9.53
N GLN B 324 -5.80 -10.24 -10.13
CA GLN B 324 -6.14 -10.19 -11.55
C GLN B 324 -5.05 -10.86 -12.38
N LYS B 325 -3.79 -10.50 -12.13
CA LYS B 325 -2.71 -11.02 -12.97
C LYS B 325 -2.48 -12.51 -12.74
N LEU B 326 -2.54 -12.96 -11.48
CA LEU B 326 -2.38 -14.37 -11.19
C LEU B 326 -3.48 -15.19 -11.87
N SER B 327 -4.73 -14.73 -11.77
CA SER B 327 -5.82 -15.43 -12.42
C SER B 327 -5.65 -15.44 -13.92
N GLU B 328 -5.21 -14.32 -14.50
CA GLU B 328 -5.03 -14.26 -15.95
C GLU B 328 -3.93 -15.22 -16.41
N ASN B 329 -2.88 -15.36 -15.61
CA ASN B 329 -1.74 -16.20 -16.00
C ASN B 329 -1.85 -17.63 -15.51
N ASN B 330 -2.92 -17.98 -14.79
CA ASN B 330 -3.13 -19.35 -14.34
C ASN B 330 -1.99 -19.83 -13.44
N ILE B 331 -1.68 -19.03 -12.42
CA ILE B 331 -0.62 -19.34 -11.47
C ILE B 331 -1.26 -19.64 -10.12
N GLN B 332 -0.93 -20.78 -9.54
CA GLN B 332 -1.43 -21.19 -8.24
C GLN B 332 -0.32 -20.97 -7.21
N THR B 333 -0.64 -20.22 -6.17
CA THR B 333 0.35 -19.75 -5.20
C THR B 333 0.29 -20.60 -3.93
N ILE B 334 1.47 -20.88 -3.39
CA ILE B 334 1.62 -21.56 -2.10
C ILE B 334 2.41 -20.64 -1.18
N PHE B 335 1.85 -20.38 0.00
CA PHE B 335 2.48 -19.50 0.98
C PHE B 335 3.12 -20.35 2.06
N ALA B 336 4.45 -20.39 2.08
CA ALA B 336 5.21 -21.11 3.10
C ALA B 336 5.79 -20.05 4.03
N VAL B 337 5.03 -19.69 5.05
CA VAL B 337 5.39 -18.61 5.96
C VAL B 337 5.45 -19.15 7.38
N THR B 338 6.23 -18.46 8.21
CA THR B 338 6.42 -18.90 9.58
C THR B 338 5.12 -18.84 10.37
N GLU B 339 5.16 -19.33 11.60
CA GLU B 339 3.95 -19.40 12.42
C GLU B 339 3.54 -18.03 12.94
N GLU B 340 4.50 -17.12 13.11
CA GLU B 340 4.17 -15.82 13.68
C GLU B 340 3.20 -15.04 12.80
N PHE B 341 3.42 -15.06 11.48
CA PHE B 341 2.60 -14.32 10.54
C PHE B 341 1.58 -15.20 9.84
N GLN B 342 1.08 -16.23 10.51
CA GLN B 342 0.10 -17.12 9.89
C GLN B 342 -1.21 -16.41 9.57
N PRO B 343 -1.87 -15.71 10.51
CA PRO B 343 -3.21 -15.17 10.19
C PRO B 343 -3.21 -14.19 9.01
N VAL B 344 -2.17 -13.38 8.88
CA VAL B 344 -2.15 -12.42 7.78
C VAL B 344 -2.22 -13.14 6.44
N TYR B 345 -1.41 -14.18 6.28
CA TYR B 345 -1.41 -14.92 5.03
C TYR B 345 -2.62 -15.84 4.89
N LYS B 346 -3.22 -16.26 6.00
CA LYS B 346 -4.50 -16.96 5.91
C LYS B 346 -5.55 -16.05 5.28
N GLU B 347 -5.65 -14.81 5.76
CA GLU B 347 -6.59 -13.87 5.16
C GLU B 347 -6.22 -13.56 3.71
N LEU B 348 -4.93 -13.42 3.43
CA LEU B 348 -4.49 -13.17 2.06
C LEU B 348 -4.93 -14.29 1.13
N LYS B 349 -4.74 -15.54 1.56
CA LYS B 349 -5.15 -16.69 0.75
C LYS B 349 -6.66 -16.77 0.66
N ASN B 350 -7.38 -16.29 1.67
CA ASN B 350 -8.82 -16.16 1.54
C ASN B 350 -9.18 -15.20 0.42
N LEU B 351 -8.46 -14.08 0.33
CA LEU B 351 -8.74 -13.10 -0.72
C LEU B 351 -8.33 -13.63 -2.10
N ILE B 352 -7.14 -14.21 -2.21
CA ILE B 352 -6.62 -14.68 -3.49
C ILE B 352 -7.30 -16.00 -3.84
N PRO B 353 -7.63 -16.26 -5.10
CA PRO B 353 -8.26 -17.53 -5.46
C PRO B 353 -7.25 -18.59 -5.86
N LYS B 354 -7.55 -19.83 -5.47
CA LYS B 354 -6.73 -20.99 -5.81
C LYS B 354 -5.29 -20.81 -5.29
N SER B 355 -5.19 -20.75 -3.97
CA SER B 355 -3.89 -20.69 -3.31
C SER B 355 -4.01 -21.30 -1.92
N ALA B 356 -2.87 -21.71 -1.39
CA ALA B 356 -2.82 -22.38 -0.09
C ALA B 356 -1.72 -21.77 0.77
N VAL B 357 -1.87 -21.88 2.08
CA VAL B 357 -0.94 -21.33 3.04
C VAL B 357 -0.44 -22.45 3.94
N GLY B 358 0.88 -22.57 4.05
CA GLY B 358 1.51 -23.52 4.92
C GLY B 358 2.19 -22.86 6.11
N THR B 359 2.74 -23.70 6.98
CA THR B 359 3.40 -23.26 8.20
C THR B 359 4.86 -23.72 8.16
N LEU B 360 5.71 -22.89 7.58
CA LEU B 360 7.13 -23.19 7.54
C LEU B 360 7.69 -23.22 8.96
N SER B 361 8.57 -24.18 9.24
CA SER B 361 9.06 -24.43 10.58
C SER B 361 10.58 -24.49 10.60
N ALA B 362 11.15 -24.12 11.73
CA ALA B 362 12.60 -24.18 11.95
C ALA B 362 13.29 -23.47 10.79
N ASN B 363 14.48 -23.93 10.40
CA ASN B 363 15.17 -23.38 9.23
C ASN B 363 14.74 -24.15 7.98
N SER B 364 13.49 -23.92 7.58
CA SER B 364 12.94 -24.48 6.35
C SER B 364 13.11 -26.00 6.32
N SER B 365 12.87 -26.64 7.46
CA SER B 365 13.07 -28.08 7.56
C SER B 365 12.06 -28.85 6.71
N ASN B 366 10.80 -28.44 6.71
CA ASN B 366 9.71 -29.20 6.12
C ASN B 366 9.08 -28.47 4.93
N VAL B 367 9.90 -27.89 4.07
CA VAL B 367 9.37 -27.20 2.90
C VAL B 367 8.82 -28.22 1.89
N ILE B 368 9.50 -29.36 1.75
CA ILE B 368 9.09 -30.35 0.75
C ILE B 368 7.71 -30.90 1.07
N GLN B 369 7.51 -31.34 2.31
CA GLN B 369 6.21 -31.88 2.69
C GLN B 369 5.14 -30.80 2.62
N LEU B 370 5.48 -29.57 3.01
CA LEU B 370 4.53 -28.47 2.91
C LEU B 370 4.10 -28.27 1.46
N ILE B 371 5.04 -28.28 0.53
CA ILE B 371 4.72 -28.08 -0.88
C ILE B 371 3.83 -29.21 -1.38
N ILE B 372 4.16 -30.45 -1.02
CA ILE B 372 3.37 -31.58 -1.51
C ILE B 372 1.96 -31.52 -0.96
N ASP B 373 1.82 -31.21 0.34
CA ASP B 373 0.49 -31.09 0.92
C ASP B 373 -0.30 -29.97 0.27
N ALA B 374 0.33 -28.82 0.04
CA ALA B 374 -0.37 -27.71 -0.60
C ALA B 374 -0.82 -28.08 -2.00
N TYR B 375 0.04 -28.77 -2.77
CA TYR B 375 -0.34 -29.17 -4.12
C TYR B 375 -1.51 -30.15 -4.08
N ASN B 376 -1.46 -31.11 -3.16
CA ASN B 376 -2.56 -32.07 -3.05
C ASN B 376 -3.86 -31.37 -2.69
N SER B 377 -3.80 -30.40 -1.77
CA SER B 377 -5.00 -29.66 -1.40
C SER B 377 -5.53 -28.84 -2.56
N LEU B 378 -4.64 -28.19 -3.32
CA LEU B 378 -5.08 -27.33 -4.40
C LEU B 378 -5.67 -28.12 -5.54
N SER B 379 -5.00 -29.20 -5.96
CA SER B 379 -5.43 -29.95 -7.13
C SER B 379 -6.71 -30.73 -6.90
N SER B 380 -7.18 -30.83 -5.66
CA SER B 380 -8.40 -31.56 -5.33
C SER B 380 -9.63 -30.65 -5.27
N GLU B 381 -9.59 -29.51 -5.99
CA GLU B 381 -10.72 -28.60 -6.05
C GLU B 381 -10.81 -28.02 -7.46
N VAL B 382 -12.03 -27.67 -7.84
CA VAL B 382 -12.30 -27.08 -9.15
C VAL B 382 -13.12 -25.81 -8.95
N ILE B 383 -12.67 -24.71 -9.56
CA ILE B 383 -13.37 -23.44 -9.52
C ILE B 383 -13.63 -23.02 -10.96
N LEU B 384 -14.90 -22.78 -11.29
CA LEU B 384 -15.28 -22.38 -12.63
C LEU B 384 -15.57 -20.89 -12.67
N GLU B 385 -15.04 -20.21 -13.68
CA GLU B 385 -15.23 -18.77 -13.84
C GLU B 385 -15.54 -18.47 -15.30
N ASN B 386 -16.23 -17.35 -15.52
CA ASN B 386 -16.61 -16.90 -16.84
C ASN B 386 -15.94 -15.57 -17.15
N GLY B 387 -15.88 -15.24 -18.44
CA GLY B 387 -15.19 -14.05 -18.89
C GLY B 387 -16.09 -12.98 -19.48
N LYS B 388 -16.25 -11.87 -18.75
CA LYS B 388 -16.92 -10.68 -19.26
C LYS B 388 -18.27 -11.01 -19.90
N LEU B 389 -19.19 -11.52 -19.07
CA LEU B 389 -20.53 -11.79 -19.55
C LEU B 389 -21.18 -10.49 -20.04
N SER B 390 -21.88 -10.58 -21.16
CA SER B 390 -22.46 -9.39 -21.78
C SER B 390 -23.52 -8.79 -20.88
N GLU B 391 -23.71 -7.48 -21.00
CA GLU B 391 -24.70 -6.78 -20.19
C GLU B 391 -26.09 -7.32 -20.46
N GLY B 392 -26.91 -7.37 -19.41
CA GLY B 392 -28.24 -7.92 -19.51
C GLY B 392 -28.31 -9.44 -19.45
N VAL B 393 -27.18 -10.11 -19.22
CA VAL B 393 -27.11 -11.56 -19.17
C VAL B 393 -26.54 -11.96 -17.81
N THR B 394 -27.21 -12.89 -17.14
CA THR B 394 -26.78 -13.38 -15.84
C THR B 394 -26.66 -14.89 -15.89
N ILE B 395 -25.71 -15.42 -15.12
CA ILE B 395 -25.35 -16.83 -15.15
C ILE B 395 -25.62 -17.45 -13.79
N SER B 396 -25.80 -18.76 -13.78
CA SER B 396 -26.03 -19.52 -12.57
C SER B 396 -25.28 -20.85 -12.64
N TYR B 397 -24.64 -21.22 -11.55
CA TYR B 397 -23.83 -22.43 -11.47
C TYR B 397 -24.47 -23.43 -10.51
N LYS B 398 -24.35 -24.71 -10.84
CA LYS B 398 -24.79 -25.80 -9.98
C LYS B 398 -23.70 -26.84 -9.90
N SER B 399 -23.55 -27.47 -8.74
CA SER B 399 -22.48 -28.41 -8.48
C SER B 399 -23.05 -29.79 -8.18
N TYR B 400 -22.51 -30.81 -8.84
CA TYR B 400 -22.85 -32.21 -8.57
C TYR B 400 -21.55 -32.90 -8.17
N CYS B 401 -21.23 -32.83 -6.88
CA CYS B 401 -19.94 -33.29 -6.39
C CYS B 401 -19.97 -34.80 -6.18
N LYS B 402 -18.95 -35.33 -5.51
CA LYS B 402 -18.84 -36.74 -5.20
C LYS B 402 -19.39 -37.01 -3.79
N ASN B 403 -19.74 -38.28 -3.56
CA ASN B 403 -20.27 -38.75 -2.28
C ASN B 403 -21.70 -38.27 -2.04
N GLY B 404 -22.40 -37.85 -3.08
CA GLY B 404 -23.79 -37.47 -2.96
C GLY B 404 -24.05 -36.05 -2.48
N VAL B 405 -23.01 -35.27 -2.23
CA VAL B 405 -23.20 -33.90 -1.79
C VAL B 405 -23.40 -33.02 -3.02
N ASN B 406 -24.55 -32.35 -3.08
CA ASN B 406 -24.93 -31.51 -4.21
C ASN B 406 -25.11 -30.08 -3.70
N GLY B 407 -24.16 -29.21 -4.03
CA GLY B 407 -24.18 -27.83 -3.56
C GLY B 407 -24.78 -26.89 -4.60
N THR B 408 -25.25 -25.75 -4.09
CA THR B 408 -25.87 -24.73 -4.93
C THR B 408 -25.39 -23.37 -4.46
N GLY B 409 -26.02 -22.31 -4.97
CA GLY B 409 -25.61 -20.96 -4.60
C GLY B 409 -24.27 -20.61 -5.20
N GLU B 410 -23.56 -19.69 -4.53
CA GLU B 410 -22.24 -19.30 -4.99
C GLU B 410 -21.28 -20.48 -5.01
N ASN B 411 -21.54 -21.52 -4.23
CA ASN B 411 -20.71 -22.72 -4.22
C ASN B 411 -20.99 -23.64 -5.40
N GLY B 412 -21.99 -23.34 -6.23
CA GLY B 412 -22.29 -24.19 -7.36
C GLY B 412 -21.16 -24.31 -8.35
N ARG B 413 -20.24 -23.34 -8.37
CA ARG B 413 -19.07 -23.39 -9.22
C ARG B 413 -17.88 -24.08 -8.54
N LYS B 414 -18.01 -24.44 -7.27
CA LYS B 414 -16.93 -25.04 -6.49
C LYS B 414 -17.27 -26.48 -6.17
N CYS B 415 -16.36 -27.39 -6.52
CA CYS B 415 -16.50 -28.82 -6.23
C CYS B 415 -15.21 -29.31 -5.59
N SER B 416 -15.22 -29.45 -4.26
CA SER B 416 -14.05 -29.85 -3.50
C SER B 416 -14.03 -31.35 -3.28
N ASN B 417 -12.85 -31.85 -2.91
CA ASN B 417 -12.61 -33.26 -2.56
C ASN B 417 -12.46 -34.15 -3.78
N ILE B 418 -12.39 -33.58 -4.99
CA ILE B 418 -12.21 -34.40 -6.18
C ILE B 418 -10.85 -35.08 -6.13
N SER B 419 -10.83 -36.38 -6.40
CA SER B 419 -9.61 -37.17 -6.38
C SER B 419 -9.13 -37.41 -7.81
N ILE B 420 -8.11 -38.25 -7.97
CA ILE B 420 -7.59 -38.58 -9.28
C ILE B 420 -8.61 -39.42 -10.03
N GLY B 421 -8.94 -38.99 -11.25
CA GLY B 421 -9.87 -39.74 -12.07
C GLY B 421 -11.24 -39.91 -11.44
N ASP B 422 -11.79 -38.86 -10.85
CA ASP B 422 -13.11 -38.87 -10.25
C ASP B 422 -14.00 -37.92 -11.03
N GLU B 423 -14.97 -38.47 -11.74
CA GLU B 423 -15.84 -37.67 -12.59
C GLU B 423 -16.66 -36.69 -11.75
N VAL B 424 -16.95 -35.54 -12.34
CA VAL B 424 -17.73 -34.50 -11.69
C VAL B 424 -18.53 -33.77 -12.76
N GLN B 425 -19.76 -33.39 -12.43
CA GLN B 425 -20.65 -32.72 -13.36
C GLN B 425 -21.11 -31.39 -12.77
N PHE B 426 -21.33 -30.43 -13.66
CA PHE B 426 -21.81 -29.11 -13.29
C PHE B 426 -23.10 -28.81 -14.06
N GLU B 427 -24.02 -28.10 -13.42
CA GLU B 427 -25.26 -27.66 -14.04
C GLU B 427 -25.19 -26.16 -14.21
N ILE B 428 -25.18 -25.70 -15.47
CA ILE B 428 -24.99 -24.29 -15.81
C ILE B 428 -26.23 -23.82 -16.57
N SER B 429 -26.77 -22.69 -16.14
CA SER B 429 -27.93 -22.09 -16.78
C SER B 429 -27.65 -20.62 -17.05
N ILE B 430 -28.00 -20.16 -18.24
CA ILE B 430 -27.74 -18.79 -18.69
C ILE B 430 -29.06 -18.06 -18.80
N THR B 431 -29.12 -16.85 -18.22
CA THR B 431 -30.31 -16.02 -18.26
C THR B 431 -30.00 -14.74 -19.04
N SER B 432 -30.95 -14.34 -19.90
CA SER B 432 -30.83 -13.13 -20.70
C SER B 432 -32.12 -12.33 -20.56
N ASN B 433 -32.07 -11.22 -19.82
CA ASN B 433 -33.25 -10.43 -19.51
C ASN B 433 -33.40 -9.24 -20.46
N LYS B 434 -32.99 -9.38 -21.71
CA LYS B 434 -33.12 -8.32 -22.71
C LYS B 434 -32.78 -8.93 -24.06
N CYS B 435 -32.74 -8.07 -25.09
CA CYS B 435 -32.38 -8.49 -26.45
C CYS B 435 -31.28 -7.57 -26.94
N PRO B 436 -30.04 -7.80 -26.51
CA PRO B 436 -28.93 -6.90 -26.91
C PRO B 436 -28.77 -6.88 -28.42
N LYS B 437 -28.35 -5.72 -28.94
CA LYS B 437 -28.15 -5.56 -30.37
C LYS B 437 -27.15 -6.57 -30.90
N LYS B 438 -26.17 -6.97 -30.10
CA LYS B 438 -25.20 -7.98 -30.52
C LYS B 438 -25.91 -9.28 -30.85
N ASP B 439 -25.90 -9.66 -32.12
CA ASP B 439 -26.65 -10.84 -32.54
C ASP B 439 -26.12 -12.09 -31.85
N SER B 440 -24.81 -12.24 -31.77
CA SER B 440 -24.21 -13.42 -31.14
C SER B 440 -22.91 -13.00 -30.48
N ASP B 441 -22.87 -13.06 -29.15
CA ASP B 441 -21.67 -12.79 -28.37
C ASP B 441 -21.34 -14.02 -27.56
N SER B 442 -20.06 -14.41 -27.56
CA SER B 442 -19.63 -15.65 -26.94
C SER B 442 -18.70 -15.36 -25.76
N PHE B 443 -18.81 -16.21 -24.74
CA PHE B 443 -17.95 -16.14 -23.57
C PHE B 443 -17.48 -17.55 -23.24
N LYS B 444 -16.39 -17.64 -22.48
CA LYS B 444 -15.74 -18.90 -22.17
C LYS B 444 -15.80 -19.16 -20.67
N ILE B 445 -16.07 -20.41 -20.31
CA ILE B 445 -16.06 -20.86 -18.93
C ILE B 445 -14.83 -21.76 -18.77
N ARG B 446 -13.96 -21.41 -17.82
CA ARG B 446 -12.67 -22.03 -17.69
C ARG B 446 -12.39 -22.36 -16.23
N PRO B 447 -12.04 -23.60 -15.90
CA PRO B 447 -11.58 -23.88 -14.53
C PRO B 447 -10.31 -23.11 -14.23
N LEU B 448 -10.21 -22.61 -13.00
CA LEU B 448 -9.02 -21.84 -12.62
C LEU B 448 -7.79 -22.73 -12.65
N GLY B 449 -6.71 -22.19 -13.21
CA GLY B 449 -5.45 -22.90 -13.27
C GLY B 449 -5.28 -23.86 -14.42
N PHE B 450 -6.21 -23.86 -15.38
CA PHE B 450 -6.11 -24.73 -16.54
C PHE B 450 -6.35 -23.92 -17.80
N THR B 451 -5.70 -24.33 -18.89
CA THR B 451 -5.90 -23.70 -20.19
C THR B 451 -7.08 -24.26 -20.96
N GLU B 452 -7.73 -25.30 -20.43
CA GLU B 452 -8.90 -25.85 -21.10
C GLU B 452 -10.08 -24.91 -20.95
N GLU B 453 -10.76 -24.63 -22.05
CA GLU B 453 -11.88 -23.71 -22.09
C GLU B 453 -13.05 -24.35 -22.81
N VAL B 454 -14.25 -24.02 -22.35
CA VAL B 454 -15.49 -24.41 -23.03
C VAL B 454 -16.09 -23.14 -23.61
N GLU B 455 -16.36 -23.16 -24.92
CA GLU B 455 -16.84 -21.99 -25.62
C GLU B 455 -18.36 -21.99 -25.66
N VAL B 456 -18.97 -20.90 -25.21
CA VAL B 456 -20.42 -20.74 -25.20
C VAL B 456 -20.76 -19.60 -26.15
N ILE B 457 -21.58 -19.89 -27.15
CA ILE B 457 -22.01 -18.92 -28.14
C ILE B 457 -23.49 -18.65 -27.93
N LEU B 458 -23.82 -17.39 -27.66
CA LEU B 458 -25.20 -16.98 -27.45
C LEU B 458 -25.82 -16.51 -28.77
N GLN B 459 -27.14 -16.67 -28.88
CA GLN B 459 -27.89 -16.19 -30.04
C GLN B 459 -29.25 -15.72 -29.52
N TYR B 460 -29.34 -14.41 -29.26
CA TYR B 460 -30.55 -13.85 -28.68
C TYR B 460 -31.72 -13.97 -29.66
N ILE B 461 -32.91 -14.17 -29.09
CA ILE B 461 -34.12 -14.32 -29.88
C ILE B 461 -34.08 -15.63 -30.66
N GLU C 23 17.68 -3.05 33.01
CA GLU C 23 19.06 -2.85 32.59
C GLU C 23 19.16 -2.91 31.07
N VAL C 24 20.00 -3.83 30.57
CA VAL C 24 20.17 -3.98 29.14
C VAL C 24 18.85 -4.42 28.51
N GLU C 25 18.45 -3.75 27.42
CA GLU C 25 17.19 -4.06 26.73
C GLU C 25 17.47 -4.09 25.23
N VAL C 26 17.83 -5.26 24.72
CA VAL C 26 17.97 -5.43 23.28
C VAL C 26 16.59 -5.47 22.65
N HIS C 27 16.52 -5.03 21.39
CA HIS C 27 15.24 -4.93 20.70
C HIS C 27 15.11 -5.95 19.57
N GLY C 28 15.98 -5.91 18.58
CA GLY C 28 15.90 -6.88 17.49
C GLY C 28 14.54 -6.91 16.83
N ARG C 29 13.94 -5.74 16.61
CA ARG C 29 12.59 -5.66 16.07
C ARG C 29 12.55 -5.26 14.60
N GLY C 30 13.69 -4.97 13.99
CA GLY C 30 13.71 -4.63 12.58
C GLY C 30 13.69 -5.86 11.70
N ASP C 31 14.47 -5.85 10.63
CA ASP C 31 14.62 -7.03 9.78
C ASP C 31 15.78 -7.88 10.31
N ILE C 32 15.52 -8.50 11.46
CA ILE C 32 16.54 -9.29 12.16
C ILE C 32 16.03 -10.71 12.34
N PRO C 33 16.87 -11.72 12.20
CA PRO C 33 16.39 -13.09 12.32
C PRO C 33 15.84 -13.38 13.71
N ARG C 34 14.77 -14.17 13.76
CA ARG C 34 14.22 -14.56 15.05
C ARG C 34 15.18 -15.47 15.82
N SER C 35 15.99 -16.25 15.10
CA SER C 35 16.92 -17.15 15.76
C SER C 35 17.91 -16.39 16.63
N SER C 36 18.46 -15.29 16.11
CA SER C 36 19.42 -14.51 16.89
C SER C 36 18.69 -13.54 17.80
N LEU C 37 17.68 -14.04 18.51
CA LEU C 37 17.04 -13.29 19.59
C LEU C 37 16.82 -14.10 20.85
N GLU C 38 16.74 -15.42 20.77
CA GLU C 38 16.74 -16.27 21.96
C GLU C 38 18.15 -16.74 22.33
N LEU C 39 19.13 -16.56 21.45
CA LEU C 39 20.51 -16.80 21.83
C LEU C 39 20.96 -15.81 22.90
N PHE C 40 20.56 -14.54 22.76
CA PHE C 40 20.83 -13.55 23.79
C PHE C 40 20.15 -13.94 25.10
N GLU C 41 18.89 -14.41 25.03
CA GLU C 41 18.20 -14.84 26.23
C GLU C 41 18.93 -16.03 26.88
N LYS C 42 19.39 -16.98 26.06
CA LYS C 42 20.09 -18.13 26.60
C LYS C 42 21.40 -17.72 27.27
N VAL C 43 22.15 -16.82 26.64
CA VAL C 43 23.41 -16.38 27.24
C VAL C 43 23.15 -15.62 28.53
N ALA C 44 22.10 -14.80 28.57
CA ALA C 44 21.79 -14.06 29.78
C ALA C 44 21.37 -14.99 30.90
N LYS C 45 20.46 -15.93 30.61
CA LYS C 45 19.99 -16.84 31.65
C LYS C 45 21.12 -17.72 32.16
N GLU C 46 21.91 -18.29 31.25
CA GLU C 46 23.06 -19.10 31.65
C GLU C 46 24.15 -18.27 32.34
N LEU C 47 24.07 -16.94 32.24
CA LEU C 47 25.01 -16.05 32.91
C LEU C 47 24.63 -15.75 34.35
N GLY C 48 23.51 -16.30 34.82
CA GLY C 48 23.06 -16.09 36.18
C GLY C 48 22.13 -14.90 36.38
N LEU C 49 21.88 -14.12 35.33
CA LEU C 49 21.02 -12.96 35.45
C LEU C 49 19.55 -13.37 35.32
N LYS C 50 18.67 -12.37 35.32
CA LYS C 50 17.23 -12.58 35.17
C LYS C 50 16.78 -11.92 33.87
N VAL C 51 15.99 -12.66 33.08
CA VAL C 51 15.54 -12.21 31.77
C VAL C 51 14.03 -12.04 31.79
N GLU C 52 13.57 -10.88 31.34
CA GLU C 52 12.14 -10.58 31.23
C GLU C 52 11.78 -10.64 29.74
N ARG C 53 11.30 -11.79 29.30
CA ARG C 53 11.01 -12.00 27.90
C ARG C 53 9.84 -11.11 27.45
N ASN C 54 9.86 -10.77 26.16
CA ASN C 54 8.79 -9.98 25.55
C ASN C 54 8.79 -10.26 24.05
N HIS C 55 7.74 -9.82 23.38
CA HIS C 55 7.60 -10.03 21.95
C HIS C 55 8.67 -9.21 21.22
N ARG C 56 9.69 -9.88 20.71
CA ARG C 56 10.78 -9.22 19.99
C ARG C 56 11.41 -8.12 20.83
N THR C 57 11.58 -8.40 22.12
CA THR C 57 12.22 -7.47 23.04
C THR C 57 12.59 -8.17 24.33
N VAL C 58 13.84 -8.02 24.78
CA VAL C 58 14.34 -8.70 25.97
C VAL C 58 14.94 -7.66 26.89
N THR C 59 14.58 -7.74 28.18
CA THR C 59 15.13 -6.87 29.21
C THR C 59 15.59 -7.72 30.38
N VAL C 60 16.75 -7.38 30.94
CA VAL C 60 17.34 -8.13 32.03
C VAL C 60 17.39 -7.27 33.27
N LYS C 61 17.57 -7.92 34.42
CA LYS C 61 17.65 -7.25 35.70
C LYS C 61 18.83 -7.79 36.50
N GLY C 62 19.37 -6.95 37.38
CA GLY C 62 20.49 -7.34 38.21
C GLY C 62 21.75 -7.61 37.41
N VAL C 63 22.08 -6.71 36.48
CA VAL C 63 23.26 -6.84 35.64
C VAL C 63 24.34 -5.90 36.15
N SER C 64 25.52 -6.45 36.41
CA SER C 64 26.64 -5.65 36.90
C SER C 64 27.33 -4.94 35.74
N GLU C 65 28.34 -4.13 36.08
CA GLU C 65 29.07 -3.37 35.06
C GLU C 65 29.74 -4.32 34.06
N GLU C 66 30.46 -5.33 34.55
CA GLU C 66 31.02 -6.32 33.65
C GLU C 66 29.93 -7.07 32.90
N GLN C 67 28.86 -7.43 33.61
CA GLN C 67 27.75 -8.11 32.95
C GLN C 67 27.14 -7.23 31.86
N ILE C 68 26.93 -5.95 32.16
CA ILE C 68 26.32 -5.06 31.18
C ILE C 68 27.24 -4.89 29.97
N ARG C 69 28.54 -4.74 30.21
CA ARG C 69 29.47 -4.60 29.10
C ARG C 69 29.48 -5.84 28.22
N GLU C 70 29.52 -7.02 28.83
CA GLU C 70 29.52 -8.25 28.05
C GLU C 70 28.22 -8.39 27.25
N LEU C 71 27.08 -8.11 27.89
CA LEU C 71 25.81 -8.22 27.19
C LEU C 71 25.72 -7.24 26.03
N GLU C 72 26.19 -6.00 26.24
CA GLU C 72 26.18 -5.02 25.17
C GLU C 72 27.06 -5.46 24.01
N GLU C 73 28.25 -5.99 24.32
CA GLU C 73 29.13 -6.46 23.26
C GLU C 73 28.49 -7.61 22.48
N VAL C 74 27.88 -8.55 23.18
CA VAL C 74 27.23 -9.68 22.51
C VAL C 74 26.09 -9.18 21.62
N ALA C 75 25.27 -8.27 22.14
CA ALA C 75 24.17 -7.74 21.34
C ALA C 75 24.68 -7.01 20.11
N LYS C 76 25.73 -6.20 20.27
CA LYS C 76 26.29 -5.50 19.12
C LYS C 76 26.81 -6.46 18.08
N LYS C 77 27.48 -7.54 18.52
CA LYS C 77 27.96 -8.54 17.57
C LYS C 77 26.80 -9.22 16.85
N LEU C 78 25.72 -9.51 17.58
CA LEU C 78 24.56 -10.16 16.99
C LEU C 78 23.74 -9.22 16.11
N GLY C 79 24.05 -7.92 16.11
CA GLY C 79 23.30 -6.97 15.33
C GLY C 79 22.06 -6.42 15.98
N LEU C 80 21.86 -6.66 17.27
CA LEU C 80 20.70 -6.17 17.98
C LEU C 80 20.87 -4.68 18.32
N TRP C 81 19.83 -4.09 18.91
CA TRP C 81 19.82 -2.70 19.32
C TRP C 81 19.81 -2.69 20.85
N VAL C 82 21.00 -2.55 21.43
CA VAL C 82 21.15 -2.64 22.88
C VAL C 82 20.84 -1.31 23.52
N LEU C 83 20.18 -1.35 24.67
CA LEU C 83 19.89 -0.15 25.46
C LEU C 83 20.39 -0.33 26.88
N VAL C 84 20.08 0.63 27.76
CA VAL C 84 20.48 0.56 29.16
C VAL C 84 19.42 1.25 30.01
N ARG C 85 19.15 0.68 31.17
CA ARG C 85 18.17 1.24 32.09
C ARG C 85 18.63 1.10 33.54
C1 NAG D . -9.55 15.76 27.35
C2 NAG D . -10.64 15.17 28.23
C3 NAG D . -11.09 16.18 29.29
C4 NAG D . -9.88 16.70 30.06
C5 NAG D . -8.83 17.23 29.11
C6 NAG D . -7.55 17.65 29.80
C7 NAG D . -12.56 13.71 27.78
C8 NAG D . -13.68 13.40 26.83
N2 NAG D . -11.77 14.73 27.43
O3 NAG D . -12.01 15.57 30.17
O4 NAG D . -10.28 17.74 30.95
O5 NAG D . -8.47 16.21 28.16
O6 NAG D . -7.37 16.96 31.03
O7 NAG D . -12.36 13.06 28.79
C1 NAG D . -10.03 17.31 32.30
C2 NAG D . -9.71 18.55 33.13
C3 NAG D . -9.50 18.15 34.60
C4 NAG D . -10.69 17.36 35.12
C5 NAG D . -10.98 16.18 34.19
C6 NAG D . -12.23 15.43 34.58
C7 NAG D . -8.60 20.19 31.69
C8 NAG D . -7.29 20.78 31.28
N2 NAG D . -8.53 19.23 32.62
O3 NAG D . -9.31 19.32 35.38
O4 NAG D . -10.42 16.88 36.43
O5 NAG D . -11.18 16.65 32.85
O6 NAG D . -12.63 15.72 35.91
O7 NAG D . -9.67 20.56 31.21
C1 NAG E . -7.58 2.64 19.95
C2 NAG E . -7.48 2.46 21.46
C3 NAG E . -6.03 2.58 21.91
C4 NAG E . -5.13 1.64 21.12
C5 NAG E . -5.35 1.83 19.63
C6 NAG E . -4.60 0.82 18.78
C7 NAG E . -9.64 3.27 22.31
C8 NAG E . -10.35 4.36 23.05
N2 NAG E . -8.32 3.43 22.15
O3 NAG E . -5.94 2.29 23.30
O4 NAG E . -3.77 1.91 21.41
O5 NAG E . -6.74 1.69 19.30
O6 NAG E . -4.99 -0.51 19.12
O7 NAG E . -10.23 2.29 21.88
C1 NAG E . -3.26 1.00 22.39
C2 NAG E . -1.80 1.36 22.65
C3 NAG E . -1.21 0.46 23.72
C4 NAG E . -2.07 0.52 24.98
C5 NAG E . -3.51 0.17 24.62
C6 NAG E . -4.45 0.28 25.80
C7 NAG E . -0.73 2.35 20.67
C8 NAG E . 0.08 2.08 19.44
N2 NAG E . -1.02 1.28 21.43
O3 NAG E . 0.11 0.90 24.03
O4 NAG E . -1.58 -0.40 25.95
O5 NAG E . -4.00 1.05 23.61
O6 NAG E . -3.88 -0.23 26.98
O7 NAG E . -1.10 3.47 20.96
C1 BMA E . -1.00 0.37 27.01
C2 BMA E . -0.63 -0.61 28.15
C3 BMA E . 0.14 0.13 29.25
C4 BMA E . 1.30 0.97 28.66
C5 BMA E . 0.75 1.89 27.56
C6 BMA E . 1.80 2.75 26.88
O2 BMA E . 0.23 -1.63 27.67
O3 BMA E . 0.61 -0.78 30.23
O4 BMA E . 1.90 1.74 29.69
O5 BMA E . 0.14 1.07 26.56
O6 BMA E . 2.69 1.90 26.17
C1 MAN E . -0.53 -1.53 30.72
C2 MAN E . -0.32 -1.82 32.24
C3 MAN E . 0.66 -2.97 32.47
C4 MAN E . 0.30 -4.17 31.60
C5 MAN E . 0.30 -3.75 30.13
C6 MAN E . -0.03 -4.89 29.19
O2 MAN E . -1.54 -2.23 32.86
O3 MAN E . 0.72 -3.35 33.83
O4 MAN E . 1.24 -5.21 31.78
O5 MAN E . -0.70 -2.73 29.96
O6 MAN E . 0.76 -6.01 29.56
C1 NAG E . 3.30 1.98 29.39
C2 NAG E . 4.11 1.81 30.67
C3 NAG E . 5.60 2.02 30.38
C4 NAG E . 6.05 1.10 29.26
C5 NAG E . 5.16 1.29 28.03
C6 NAG E . 5.47 0.33 26.91
C7 NAG E . 3.62 4.07 31.52
C8 NAG E . 3.14 4.88 32.69
N2 NAG E . 3.67 2.75 31.70
O3 NAG E . 6.36 1.75 31.56
O4 NAG E . 7.39 1.38 28.90
O5 NAG E . 3.78 1.07 28.39
O6 NAG E . 6.87 0.06 26.85
O7 NAG E . 3.96 4.59 30.46
C1 NAG F . 2.52 39.81 1.79
C2 NAG F . 2.11 41.26 1.48
C3 NAG F . 1.83 41.42 0.00
C4 NAG F . 3.00 40.94 -0.83
C5 NAG F . 3.36 39.50 -0.44
C6 NAG F . 4.59 38.99 -1.14
C7 NAG F . 0.81 42.86 2.80
C8 NAG F . -0.46 43.09 3.59
N2 NAG F . 0.95 41.64 2.27
O3 NAG F . 1.56 42.79 -0.28
O4 NAG F . 2.68 40.98 -2.22
O5 NAG F . 3.63 39.44 0.97
O6 NAG F . 5.78 39.62 -0.67
O7 NAG F . 1.65 43.74 2.66
C1 FUC F . 6.33 38.82 0.40
C2 FUC F . 7.48 37.97 -0.19
C3 FUC F . 8.66 38.86 -0.59
C4 FUC F . 9.09 39.71 0.61
C5 FUC F . 7.89 40.51 1.14
C6 FUC F . 8.21 41.27 2.42
O2 FUC F . 7.06 37.18 -1.29
O3 FUC F . 9.76 38.06 -0.96
O4 FUC F . 9.59 38.88 1.64
O5 FUC F . 6.79 39.65 1.44
C1 NAG G . 16.78 20.00 -12.27
C2 NAG G . 15.89 19.06 -13.07
C3 NAG G . 16.59 17.72 -13.28
C4 NAG G . 17.97 17.94 -13.91
C5 NAG G . 18.77 18.97 -13.12
C6 NAG G . 20.06 19.36 -13.81
C7 NAG G . 13.45 19.26 -12.92
C8 NAG G . 12.23 18.98 -12.09
N2 NAG G . 14.62 18.86 -12.40
O3 NAG G . 15.79 16.90 -14.12
O4 NAG G . 18.67 16.70 -13.88
O5 NAG G . 18.02 20.18 -12.98
O6 NAG G . 19.99 20.66 -14.37
O7 NAG G . 13.38 19.84 -14.00
C1 NAG G . 19.29 16.39 -15.15
C2 NAG G . 18.49 17.00 -16.31
C3 NAG G . 19.19 16.73 -17.63
C4 NAG G . 20.64 17.19 -17.58
C5 NAG G . 21.34 16.55 -16.39
C6 NAG G . 22.76 17.04 -16.21
C7 NAG G . 16.13 17.10 -16.98
C8 NAG G . 14.80 16.43 -16.90
N2 NAG G . 17.13 16.49 -16.33
O3 NAG G . 18.50 17.40 -18.68
O4 NAG G . 21.30 16.79 -18.78
O5 NAG G . 20.64 16.87 -15.18
O6 NAG G . 23.32 16.60 -14.98
O7 NAG G . 16.30 18.15 -17.60
C1 NAG H . 18.77 -24.47 12.39
C2 NAG H . 18.92 -25.95 12.71
C3 NAG H . 19.64 -26.15 14.05
C4 NAG H . 20.95 -25.39 14.06
C5 NAG H . 20.70 -23.92 13.73
C6 NAG H . 21.95 -23.09 13.64
C7 NAG H . 16.63 -26.39 13.55
C8 NAG H . 16.86 -25.29 14.55
N2 NAG H . 17.64 -26.64 12.71
O3 NAG H . 19.89 -27.54 14.26
O4 NAG H . 21.55 -25.49 15.35
O5 NAG H . 20.04 -23.83 12.45
O6 NAG H . 22.70 -23.41 12.47
O7 NAG H . 15.57 -27.01 13.51
C1 NAG H . 23.00 -25.56 15.29
C2 NAG H . 23.49 -25.92 13.88
C3 NAG H . 25.02 -25.87 13.83
C4 NAG H . 25.54 -24.54 14.35
C5 NAG H . 24.98 -24.27 15.73
C6 NAG H . 25.37 -22.92 16.29
C7 NAG H . 22.84 -27.57 12.19
C8 NAG H . 22.34 -28.97 11.96
N2 NAG H . 23.01 -27.22 13.47
O3 NAG H . 25.45 -26.07 12.48
O4 NAG H . 26.96 -24.57 14.41
O5 NAG H . 23.55 -24.29 15.70
O6 NAG H . 24.53 -22.52 17.35
O7 NAG H . 23.10 -26.80 11.28
CA CA I . -16.99 32.07 -5.01
C1 NAG J . -8.97 -6.07 13.51
C2 NAG J . -9.85 -5.63 14.68
C3 NAG J . -10.87 -6.71 15.02
C4 NAG J . -11.66 -7.11 13.77
C5 NAG J . -10.70 -7.49 12.65
C6 NAG J . -11.41 -7.78 11.34
C7 NAG J . -9.52 -4.66 16.91
C8 NAG J . -8.56 -4.42 18.03
N2 NAG J . -9.05 -5.31 15.85
O3 NAG J . -11.76 -6.24 16.02
O4 NAG J . -12.51 -8.21 14.06
O5 NAG J . -9.79 -6.41 12.39
O6 NAG J . -11.88 -6.59 10.73
O7 NAG J . -10.70 -4.29 16.97
CA CA K . -23.16 16.00 12.39
CA CA L . -25.27 21.89 0.28
C1 NAG M . -0.33 -21.72 -24.32
C2 NAG M . 0.39 -21.70 -25.66
C3 NAG M . 0.29 -20.30 -26.28
C4 NAG M . -1.17 -19.86 -26.35
C5 NAG M . -1.84 -19.98 -24.98
C6 NAG M . -3.31 -19.67 -25.01
C7 NAG M . 2.61 -21.54 -24.62
C8 NAG M . 4.01 -22.08 -24.62
N2 NAG M . 1.78 -22.09 -25.52
O3 NAG M . 0.85 -20.32 -27.58
O4 NAG M . -1.24 -18.50 -26.79
O5 NAG M . -1.69 -21.32 -24.48
O6 NAG M . -3.62 -18.66 -25.96
O7 NAG M . 2.25 -20.66 -23.85
C1 NAG N . -27.31 -35.44 -6.00
C2 NAG N . -28.51 -36.13 -5.35
C3 NAG N . -28.54 -37.61 -5.71
C4 NAG N . -28.48 -37.79 -7.22
C5 NAG N . -27.28 -37.05 -7.79
C6 NAG N . -27.22 -37.09 -9.30
C7 NAG N . -28.71 -34.79 -3.29
C8 NAG N . -28.64 -34.80 -1.80
N2 NAG N . -28.49 -35.96 -3.90
O3 NAG N . -29.73 -38.20 -5.19
O4 NAG N . -28.36 -39.17 -7.53
O5 NAG N . -27.35 -35.66 -7.41
O6 NAG N . -28.31 -36.41 -9.88
O7 NAG N . -28.97 -33.77 -3.93
C1 NAG O . -13.52 -36.17 1.27
C2 NAG O . -13.93 -35.81 2.70
C3 NAG O . -13.51 -36.91 3.67
C4 NAG O . -14.05 -38.26 3.20
C5 NAG O . -13.65 -38.52 1.75
C6 NAG O . -14.25 -39.78 1.17
C7 NAG O . -14.02 -33.40 3.13
C8 NAG O . -13.27 -32.18 3.57
N2 NAG O . -13.34 -34.54 3.10
O3 NAG O . -14.00 -36.63 4.97
O4 NAG O . -13.55 -39.30 4.02
O5 NAG O . -14.10 -37.44 0.92
O6 NAG O . -14.71 -39.58 -0.15
O7 NAG O . -15.22 -33.34 2.84
C1 NAG P . 32.03 -11.33 1.43
C2 NAG P . 33.35 -10.56 1.37
C3 NAG P . 33.80 -10.37 -0.08
C4 NAG P . 33.85 -11.71 -0.80
C5 NAG P . 32.51 -12.44 -0.66
C6 NAG P . 32.53 -13.83 -1.25
C7 NAG P . 34.27 -8.56 2.45
C8 NAG P . 33.96 -7.25 3.12
N2 NAG P . 33.22 -9.28 2.04
O3 NAG P . 35.08 -9.76 -0.10
O4 NAG P . 34.13 -11.51 -2.18
O5 NAG P . 32.19 -12.58 0.74
O6 NAG P . 33.84 -14.21 -1.64
O7 NAG P . 35.43 -8.94 2.28
MN MN Q . 13.12 -10.05 6.57
MN MN R . 11.69 -4.36 4.60
#